data_4ND5
#
_entry.id   4ND5
#
_cell.length_a   136.490
_cell.length_b   136.490
_cell.length_c   170.220
_cell.angle_alpha   90.00
_cell.angle_beta   90.00
_cell.angle_gamma   120.00
#
_symmetry.space_group_name_H-M   'P 32 1 2'
#
loop_
_entity.id
_entity.type
_entity.pdbx_description
1 polymer 'Lactate dehydrogenase, adjacent gene encodes predicted malate dehydrogenase'
2 water water
#
_entity_poly.entity_id   1
_entity_poly.type   'polypeptide(L)'
_entity_poly.pdbx_seq_one_letter_code
;MIERRKIAVIGSGQIGGNIAYIVGKDNLADVVLFDIAEGIPQGKALDITHSMVMFGSTSKVIGTNDYADISGSDVVIITA
SIPGRPKDDRSELLFGNARILDSVAEGVKKYCPNAFVICITNPLDVMVSHFQKVSGLPHNKVCGMAGVLDSSRFRTFIAQ
HFGVNASDVSANVIGGHGDGMVPATSSVSVGGVPLSSFIKQGLITQEQIDEIVCHTRIAWKEVADNLKTGTAYFAPAAAA
VKMAEAYLKDKKAVVPCSAFCSNHYGVKGIYMGVPTIIGKNGVEDILELDLTPLEQKLLGESINEVNTISKVLDNAPAAG
A
;
_entity_poly.pdbx_strand_id   A,B,C,D
#
# COMPACT_ATOMS: atom_id res chain seq x y z
N MET A 1 3.99 -21.37 57.25
CA MET A 1 4.00 -21.81 55.82
C MET A 1 3.71 -20.63 54.89
N ILE A 2 4.57 -20.47 53.90
CA ILE A 2 4.39 -19.43 52.89
C ILE A 2 4.10 -20.07 51.55
N GLU A 3 2.93 -19.77 51.00
CA GLU A 3 2.65 -19.98 49.59
C GLU A 3 2.33 -18.61 49.00
N ARG A 4 2.62 -18.44 47.72
CA ARG A 4 2.24 -17.21 47.02
C ARG A 4 0.72 -17.12 47.01
N ARG A 5 0.21 -15.89 47.09
CA ARG A 5 -1.23 -15.69 46.91
C ARG A 5 -1.59 -16.01 45.47
N LYS A 6 -2.84 -16.37 45.24
CA LYS A 6 -3.28 -16.86 43.95
C LYS A 6 -4.65 -16.29 43.64
N ILE A 7 -4.78 -15.64 42.48
CA ILE A 7 -6.05 -15.08 42.04
C ILE A 7 -6.46 -15.74 40.73
N ALA A 8 -7.67 -16.30 40.70
CA ALA A 8 -8.23 -16.85 39.46
C ALA A 8 -9.14 -15.81 38.82
N VAL A 9 -8.90 -15.53 37.54
CA VAL A 9 -9.72 -14.61 36.77
C VAL A 9 -10.50 -15.43 35.75
N ILE A 10 -11.82 -15.46 35.89
CA ILE A 10 -12.67 -16.27 35.03
C ILE A 10 -13.21 -15.39 33.90
N GLY A 11 -12.70 -15.62 32.69
CA GLY A 11 -13.04 -14.79 31.54
C GLY A 11 -11.83 -13.99 31.11
N SER A 12 -11.35 -14.23 29.90
CA SER A 12 -10.14 -13.59 29.39
C SER A 12 -10.46 -12.41 28.47
N GLY A 13 -11.60 -11.75 28.70
CA GLY A 13 -11.97 -10.58 27.93
C GLY A 13 -11.16 -9.35 28.32
N GLN A 14 -11.72 -8.17 28.11
CA GLN A 14 -10.99 -6.93 28.31
C GLN A 14 -10.79 -6.60 29.78
N ILE A 15 -11.83 -6.84 30.60
CA ILE A 15 -11.73 -6.64 32.04
C ILE A 15 -10.78 -7.68 32.65
N GLY A 16 -10.98 -8.94 32.27
CA GLY A 16 -10.14 -10.04 32.76
C GLY A 16 -8.64 -9.83 32.52
N GLY A 17 -8.29 -9.44 31.30
CA GLY A 17 -6.88 -9.26 30.92
C GLY A 17 -6.20 -8.18 31.73
N ASN A 18 -6.89 -7.06 31.92
CA ASN A 18 -6.36 -5.95 32.71
C ASN A 18 -6.26 -6.27 34.20
N ILE A 19 -7.17 -7.08 34.73
CA ILE A 19 -7.04 -7.55 36.10
C ILE A 19 -5.72 -8.30 36.26
N ALA A 20 -5.47 -9.24 35.36
CA ALA A 20 -4.25 -10.03 35.40
C ALA A 20 -3.00 -9.16 35.30
N TYR A 21 -3.03 -8.23 34.35
CA TYR A 21 -1.99 -7.22 34.15
C TYR A 21 -1.67 -6.48 35.45
N ILE A 22 -2.69 -5.89 36.06
CA ILE A 22 -2.50 -5.04 37.24
C ILE A 22 -2.08 -5.85 38.45
N VAL A 23 -2.70 -7.02 38.66
CA VAL A 23 -2.34 -7.90 39.75
C VAL A 23 -0.87 -8.29 39.64
N GLY A 24 -0.47 -8.72 38.44
CA GLY A 24 0.92 -9.04 38.17
C GLY A 24 1.86 -7.87 38.38
N LYS A 25 1.48 -6.70 37.85
CA LYS A 25 2.29 -5.48 38.02
C LYS A 25 2.58 -5.16 39.49
N ASP A 26 1.55 -5.28 40.32
CA ASP A 26 1.66 -4.95 41.74
C ASP A 26 2.29 -6.08 42.57
N ASN A 27 2.52 -7.24 41.95
CA ASN A 27 2.96 -8.43 42.66
C ASN A 27 2.01 -8.80 43.80
N LEU A 28 0.71 -8.60 43.57
CA LEU A 28 -0.31 -8.92 44.57
C LEU A 28 -0.47 -10.43 44.71
N ALA A 29 -0.29 -11.15 43.60
CA ALA A 29 -0.51 -12.59 43.57
C ALA A 29 -0.02 -13.21 42.25
N ASP A 30 0.02 -14.54 42.23
CA ASP A 30 0.07 -15.26 40.96
C ASP A 30 -1.33 -15.19 40.37
N VAL A 31 -1.41 -15.33 39.05
CA VAL A 31 -2.67 -15.21 38.34
C VAL A 31 -2.89 -16.43 37.46
N VAL A 32 -4.07 -17.02 37.59
CA VAL A 32 -4.55 -18.00 36.62
C VAL A 32 -5.67 -17.33 35.83
N LEU A 33 -5.46 -17.16 34.54
CA LEU A 33 -6.45 -16.58 33.65
C LEU A 33 -7.20 -17.69 32.92
N PHE A 34 -8.48 -17.87 33.26
CA PHE A 34 -9.31 -18.96 32.74
C PHE A 34 -10.25 -18.47 31.66
N ASP A 35 -10.32 -19.21 30.56
CA ASP A 35 -11.38 -19.02 29.56
C ASP A 35 -11.54 -20.28 28.70
N ILE A 36 -12.72 -20.42 28.09
CA ILE A 36 -13.01 -21.54 27.18
C ILE A 36 -12.29 -21.34 25.85
N ALA A 37 -12.31 -20.10 25.36
CA ALA A 37 -11.76 -19.76 24.05
C ALA A 37 -10.33 -20.25 23.88
N GLU A 38 -10.06 -20.81 22.71
CA GLU A 38 -8.76 -21.36 22.37
C GLU A 38 -7.73 -20.24 22.24
N GLY A 39 -6.64 -20.33 23.00
CA GLY A 39 -5.49 -19.45 22.83
C GLY A 39 -5.52 -18.11 23.53
N ILE A 40 -6.70 -17.51 23.65
CA ILE A 40 -6.81 -16.14 24.13
C ILE A 40 -6.22 -15.96 25.55
N PRO A 41 -6.65 -16.78 26.53
CA PRO A 41 -6.06 -16.60 27.85
C PRO A 41 -4.56 -16.91 27.86
N GLN A 42 -4.15 -17.89 27.06
CA GLN A 42 -2.73 -18.26 26.96
C GLN A 42 -1.92 -17.09 26.40
N GLY A 43 -2.43 -16.44 25.36
CA GLY A 43 -1.71 -15.37 24.69
C GLY A 43 -1.57 -14.12 25.54
N LYS A 44 -2.65 -13.72 26.20
CA LYS A 44 -2.60 -12.60 27.12
C LYS A 44 -1.67 -12.89 28.29
N ALA A 45 -1.68 -14.12 28.80
CA ALA A 45 -0.86 -14.47 29.94
C ALA A 45 0.62 -14.44 29.59
N LEU A 46 0.98 -14.90 28.39
CA LEU A 46 2.36 -14.85 27.92
C LEU A 46 2.84 -13.41 27.76
N ASP A 47 2.00 -12.59 27.13
CA ASP A 47 2.29 -11.16 26.92
C ASP A 47 2.51 -10.45 28.27
N ILE A 48 1.58 -10.67 29.20
CA ILE A 48 1.67 -10.11 30.54
C ILE A 48 2.91 -10.64 31.29
N THR A 49 3.21 -11.93 31.11
CA THR A 49 4.41 -12.54 31.69
C THR A 49 5.69 -11.80 31.28
N HIS A 50 5.77 -11.39 30.02
CA HIS A 50 6.95 -10.67 29.50
C HIS A 50 7.14 -9.30 30.15
N SER A 51 6.04 -8.70 30.58
CA SER A 51 6.10 -7.40 31.25
C SER A 51 6.47 -7.50 32.73
N MET A 52 6.40 -8.70 33.32
CA MET A 52 6.63 -8.83 34.76
C MET A 52 8.01 -8.34 35.17
N VAL A 53 9.03 -8.72 34.42
CA VAL A 53 10.40 -8.27 34.67
C VAL A 53 10.54 -6.76 34.55
N MET A 54 9.75 -6.14 33.66
CA MET A 54 9.80 -4.70 33.47
C MET A 54 9.29 -3.99 34.72
N PHE A 55 8.28 -4.58 35.36
CA PHE A 55 7.70 -4.01 36.58
C PHE A 55 8.44 -4.43 37.86
N GLY A 56 9.40 -5.34 37.74
CA GLY A 56 10.15 -5.83 38.89
C GLY A 56 9.36 -6.85 39.70
N SER A 57 8.35 -7.46 39.07
CA SER A 57 7.47 -8.42 39.76
C SER A 57 7.82 -9.85 39.40
N THR A 58 7.73 -10.75 40.38
CA THR A 58 7.92 -12.19 40.16
C THR A 58 6.61 -12.97 40.07
N SER A 59 5.48 -12.26 39.99
CA SER A 59 4.17 -12.91 39.80
C SER A 59 4.21 -13.83 38.59
N LYS A 60 3.61 -15.01 38.74
CA LYS A 60 3.41 -15.94 37.64
C LYS A 60 1.99 -15.73 37.11
N VAL A 61 1.86 -15.67 35.79
CA VAL A 61 0.59 -15.45 35.10
C VAL A 61 0.47 -16.48 33.98
N ILE A 62 -0.54 -17.35 34.08
CA ILE A 62 -0.75 -18.42 33.11
C ILE A 62 -2.19 -18.41 32.58
N GLY A 63 -2.36 -18.85 31.34
CA GLY A 63 -3.67 -19.06 30.74
C GLY A 63 -4.03 -20.53 30.81
N THR A 64 -5.32 -20.81 30.89
CA THR A 64 -5.82 -22.19 30.99
C THR A 64 -7.28 -22.28 30.56
N ASN A 65 -7.69 -23.50 30.21
CA ASN A 65 -9.10 -23.82 30.01
C ASN A 65 -9.57 -24.94 30.97
N ASP A 66 -8.74 -25.20 31.99
CA ASP A 66 -8.95 -26.32 32.91
C ASP A 66 -9.17 -25.79 34.32
N TYR A 67 -10.30 -26.15 34.91
CA TYR A 67 -10.65 -25.69 36.26
C TYR A 67 -9.72 -26.24 37.36
N ALA A 68 -9.00 -27.32 37.07
CA ALA A 68 -8.03 -27.86 38.04
C ALA A 68 -6.88 -26.88 38.31
N ASP A 69 -6.62 -25.99 37.37
CA ASP A 69 -5.58 -24.98 37.53
C ASP A 69 -5.95 -23.85 38.51
N ILE A 70 -7.24 -23.69 38.80
CA ILE A 70 -7.65 -22.69 39.79
C ILE A 70 -7.66 -23.22 41.23
N SER A 71 -7.15 -24.43 41.43
CA SER A 71 -7.13 -25.03 42.77
C SER A 71 -6.28 -24.20 43.72
N GLY A 72 -6.76 -24.06 44.96
CA GLY A 72 -6.06 -23.29 45.98
C GLY A 72 -6.09 -21.78 45.75
N SER A 73 -6.97 -21.32 44.86
CA SER A 73 -7.12 -19.89 44.61
C SER A 73 -7.69 -19.21 45.84
N ASP A 74 -7.02 -18.15 46.30
CA ASP A 74 -7.49 -17.36 47.43
C ASP A 74 -8.65 -16.45 47.00
N VAL A 75 -8.57 -15.95 45.77
CA VAL A 75 -9.60 -15.06 45.23
C VAL A 75 -9.98 -15.54 43.83
N VAL A 76 -11.28 -15.55 43.55
CA VAL A 76 -11.79 -15.82 42.23
C VAL A 76 -12.60 -14.62 41.76
N ILE A 77 -12.22 -14.04 40.63
CA ILE A 77 -12.95 -12.93 40.04
C ILE A 77 -13.60 -13.42 38.75
N ILE A 78 -14.93 -13.32 38.68
CA ILE A 78 -15.70 -13.84 37.57
C ILE A 78 -16.14 -12.70 36.64
N THR A 79 -15.55 -12.64 35.45
CA THR A 79 -15.88 -11.61 34.46
C THR A 79 -16.67 -12.17 33.26
N ALA A 80 -16.72 -13.49 33.12
CA ALA A 80 -17.34 -14.13 31.95
C ALA A 80 -18.85 -13.88 31.88
N LEU A 93 -28.71 -12.88 27.67
CA LEU A 93 -29.96 -12.98 28.43
C LEU A 93 -29.68 -13.43 29.86
N LEU A 94 -30.65 -13.23 30.73
CA LEU A 94 -30.56 -13.61 32.14
C LEU A 94 -30.11 -15.07 32.33
N PHE A 95 -30.75 -15.98 31.60
CA PHE A 95 -30.47 -17.42 31.74
C PHE A 95 -29.10 -17.80 31.18
N GLY A 96 -28.62 -17.05 30.19
CA GLY A 96 -27.32 -17.31 29.58
C GLY A 96 -26.15 -17.08 30.51
N ASN A 97 -26.22 -15.99 31.29
CA ASN A 97 -25.18 -15.67 32.26
C ASN A 97 -25.21 -16.59 33.49
N ALA A 98 -26.41 -16.95 33.93
CA ALA A 98 -26.58 -17.87 35.05
C ALA A 98 -26.05 -19.26 34.70
N ARG A 99 -26.12 -19.60 33.42
CA ARG A 99 -25.57 -20.86 32.90
C ARG A 99 -24.04 -20.88 33.01
N ILE A 100 -23.42 -19.73 32.75
CA ILE A 100 -21.97 -19.59 32.90
C ILE A 100 -21.60 -19.72 34.38
N LEU A 101 -22.37 -19.07 35.26
CA LEU A 101 -22.09 -19.11 36.71
C LEU A 101 -22.22 -20.51 37.29
N ASP A 102 -23.20 -21.28 36.81
CA ASP A 102 -23.34 -22.69 37.20
C ASP A 102 -22.07 -23.46 36.93
N SER A 103 -21.52 -23.27 35.74
CA SER A 103 -20.28 -23.95 35.36
C SER A 103 -19.11 -23.50 36.24
N VAL A 104 -19.03 -22.20 36.51
CA VAL A 104 -17.96 -21.65 37.36
C VAL A 104 -18.11 -22.13 38.80
N ALA A 105 -19.35 -22.13 39.29
CA ALA A 105 -19.66 -22.60 40.65
C ALA A 105 -19.15 -24.02 40.90
N GLU A 106 -19.37 -24.91 39.93
CA GLU A 106 -18.92 -26.30 40.06
C GLU A 106 -17.40 -26.40 40.08
N GLY A 107 -16.73 -25.54 39.32
CA GLY A 107 -15.28 -25.44 39.38
C GLY A 107 -14.80 -24.99 40.75
N VAL A 108 -15.40 -23.91 41.26
CA VAL A 108 -14.99 -23.32 42.54
C VAL A 108 -15.16 -24.29 43.71
N LYS A 109 -16.36 -24.84 43.92
CA LYS A 109 -16.55 -25.71 45.09
C LYS A 109 -15.72 -27.00 45.02
N LYS A 110 -15.41 -27.44 43.80
CA LYS A 110 -14.55 -28.59 43.62
C LYS A 110 -13.08 -28.25 43.91
N TYR A 111 -12.58 -27.17 43.32
CA TYR A 111 -11.13 -26.89 43.35
C TYR A 111 -10.68 -25.79 44.32
N CYS A 112 -11.56 -24.87 44.69
CA CYS A 112 -11.19 -23.82 45.64
C CYS A 112 -12.39 -23.28 46.44
N PRO A 113 -13.04 -24.14 47.26
CA PRO A 113 -14.24 -23.75 48.00
C PRO A 113 -14.02 -22.68 49.08
N ASN A 114 -12.76 -22.47 49.49
CA ASN A 114 -12.44 -21.42 50.47
C ASN A 114 -12.13 -20.04 49.85
N ALA A 115 -12.20 -19.96 48.53
CA ALA A 115 -11.93 -18.71 47.82
C ALA A 115 -12.93 -17.60 48.13
N PHE A 116 -12.45 -16.36 48.03
CA PHE A 116 -13.31 -15.17 48.05
C PHE A 116 -13.71 -14.87 46.60
N VAL A 117 -15.00 -14.93 46.32
CA VAL A 117 -15.52 -14.80 44.95
C VAL A 117 -16.12 -13.41 44.71
N ILE A 118 -15.61 -12.74 43.68
CA ILE A 118 -16.08 -11.42 43.27
C ILE A 118 -16.69 -11.58 41.88
N CYS A 119 -17.99 -11.32 41.75
CA CYS A 119 -18.70 -11.46 40.48
C CYS A 119 -18.78 -10.14 39.73
N ILE A 120 -18.65 -10.21 38.40
CA ILE A 120 -18.82 -9.03 37.54
C ILE A 120 -19.71 -9.45 36.37
N THR A 121 -20.99 -9.66 36.66
CA THR A 121 -21.96 -10.12 35.67
C THR A 121 -23.26 -9.35 35.84
N ASN A 122 -23.90 -9.02 34.72
CA ASN A 122 -25.17 -8.30 34.75
C ASN A 122 -26.34 -9.28 34.64
N PRO A 123 -27.40 -9.08 35.43
CA PRO A 123 -27.57 -8.08 36.51
C PRO A 123 -26.90 -8.54 37.81
N LEU A 124 -26.11 -7.64 38.41
CA LEU A 124 -25.15 -8.03 39.46
C LEU A 124 -25.77 -8.71 40.68
N ASP A 125 -26.67 -8.01 41.36
CA ASP A 125 -27.27 -8.50 42.59
C ASP A 125 -27.93 -9.86 42.40
N VAL A 126 -28.62 -10.03 41.28
CA VAL A 126 -29.26 -11.29 40.94
C VAL A 126 -28.21 -12.37 40.72
N MET A 127 -27.21 -12.06 39.89
CA MET A 127 -26.20 -13.04 39.50
C MET A 127 -25.34 -13.46 40.69
N VAL A 128 -24.99 -12.52 41.55
CA VAL A 128 -24.19 -12.82 42.74
C VAL A 128 -24.95 -13.82 43.61
N SER A 129 -26.20 -13.46 43.93
CA SER A 129 -27.11 -14.32 44.68
C SER A 129 -27.16 -15.73 44.09
N HIS A 130 -27.35 -15.81 42.77
CA HIS A 130 -27.40 -17.10 42.08
C HIS A 130 -26.11 -17.92 42.26
N PHE A 131 -24.96 -17.27 42.11
CA PHE A 131 -23.68 -17.98 42.33
C PHE A 131 -23.59 -18.49 43.76
N GLN A 132 -23.98 -17.67 44.72
CA GLN A 132 -23.97 -18.08 46.12
C GLN A 132 -24.86 -19.31 46.34
N LYS A 133 -26.06 -19.27 45.79
CA LYS A 133 -27.02 -20.38 45.94
C LYS A 133 -26.55 -21.68 45.27
N VAL A 134 -26.03 -21.58 44.06
CA VAL A 134 -25.57 -22.77 43.32
C VAL A 134 -24.23 -23.30 43.86
N SER A 135 -23.33 -22.40 44.23
CA SER A 135 -22.03 -22.81 44.79
C SER A 135 -22.19 -23.26 46.24
N GLY A 136 -23.06 -22.57 46.98
CA GLY A 136 -23.27 -22.86 48.38
C GLY A 136 -22.11 -22.41 49.25
N LEU A 137 -21.34 -21.42 48.79
CA LEU A 137 -20.25 -20.89 49.59
C LEU A 137 -20.83 -19.99 50.65
N PRO A 138 -20.12 -19.82 51.78
CA PRO A 138 -20.62 -18.91 52.81
C PRO A 138 -20.97 -17.55 52.20
N HIS A 139 -22.03 -16.94 52.72
CA HIS A 139 -22.56 -15.69 52.18
C HIS A 139 -21.52 -14.57 52.21
N ASN A 140 -20.69 -14.56 53.27
CA ASN A 140 -19.66 -13.54 53.45
C ASN A 140 -18.49 -13.66 52.46
N LYS A 141 -18.39 -14.78 51.76
CA LYS A 141 -17.29 -15.02 50.82
C LYS A 141 -17.71 -14.90 49.35
N VAL A 142 -18.90 -14.34 49.12
CA VAL A 142 -19.39 -14.12 47.76
C VAL A 142 -19.94 -12.70 47.71
N CYS A 143 -19.48 -11.94 46.72
CA CYS A 143 -19.94 -10.57 46.52
C CYS A 143 -19.84 -10.19 45.06
N GLY A 144 -20.23 -8.96 44.73
CA GLY A 144 -20.20 -8.49 43.35
C GLY A 144 -19.54 -7.13 43.28
N MET A 145 -18.99 -6.80 42.11
CA MET A 145 -18.35 -5.51 41.91
C MET A 145 -19.29 -4.60 41.14
N ALA A 146 -19.64 -3.47 41.75
CA ALA A 146 -20.30 -2.36 41.07
C ALA A 146 -20.10 -1.09 41.90
N GLY A 147 -20.43 -1.15 43.18
CA GLY A 147 -20.32 0.00 44.08
C GLY A 147 -18.98 0.72 44.08
N VAL A 148 -17.88 -0.01 43.94
CA VAL A 148 -16.56 0.62 43.88
C VAL A 148 -16.42 1.43 42.59
N LEU A 149 -16.81 0.85 41.47
CA LEU A 149 -16.79 1.57 40.20
C LEU A 149 -17.68 2.80 40.27
N ASP A 150 -18.94 2.61 40.68
CA ASP A 150 -19.92 3.70 40.68
C ASP A 150 -19.51 4.80 41.63
N SER A 151 -19.09 4.43 42.85
CA SER A 151 -18.60 5.40 43.84
C SER A 151 -17.35 6.13 43.38
N SER A 152 -16.49 5.46 42.62
CA SER A 152 -15.27 6.10 42.10
C SER A 152 -15.62 7.20 41.12
N ARG A 153 -16.55 6.91 40.21
CA ARG A 153 -17.05 7.90 39.25
C ARG A 153 -17.72 9.04 40.00
N PHE A 154 -18.50 8.66 41.01
CA PHE A 154 -19.20 9.62 41.86
C PHE A 154 -18.20 10.56 42.53
N ARG A 155 -17.19 9.99 43.18
CA ARG A 155 -16.14 10.78 43.84
C ARG A 155 -15.39 11.65 42.85
N THR A 156 -15.13 11.11 41.66
CA THR A 156 -14.41 11.82 40.62
C THR A 156 -15.15 13.09 40.19
N PHE A 157 -16.45 12.98 39.94
CA PHE A 157 -17.24 14.12 39.47
C PHE A 157 -17.40 15.18 40.56
N ILE A 158 -17.54 14.75 41.81
CA ILE A 158 -17.52 15.69 42.94
C ILE A 158 -16.16 16.38 42.97
N ALA A 159 -15.08 15.59 42.85
CA ALA A 159 -13.73 16.13 42.85
C ALA A 159 -13.54 17.16 41.74
N GLN A 160 -14.01 16.83 40.55
CA GLN A 160 -13.89 17.72 39.39
C GLN A 160 -14.60 19.06 39.59
N HIS A 161 -15.75 19.04 40.26
CA HIS A 161 -16.45 20.29 40.55
C HIS A 161 -15.63 21.17 41.48
N PHE A 162 -15.18 20.60 42.59
CA PHE A 162 -14.46 21.37 43.60
C PHE A 162 -12.99 21.61 43.28
N GLY A 163 -12.46 20.94 42.26
CA GLY A 163 -11.05 21.10 41.89
C GLY A 163 -10.10 20.52 42.93
N VAL A 164 -10.47 19.37 43.51
CA VAL A 164 -9.65 18.74 44.55
C VAL A 164 -9.29 17.30 44.18
N ASN A 165 -8.34 16.75 44.93
CA ASN A 165 -7.94 15.35 44.83
C ASN A 165 -9.12 14.43 45.15
N ALA A 166 -9.45 13.54 44.20
CA ALA A 166 -10.61 12.67 44.32
C ALA A 166 -10.51 11.68 45.49
N SER A 167 -9.28 11.38 45.90
CA SER A 167 -9.02 10.52 47.06
C SER A 167 -9.46 11.19 48.36
N ASP A 168 -9.48 12.52 48.38
CA ASP A 168 -9.91 13.27 49.56
C ASP A 168 -11.43 13.49 49.60
N VAL A 169 -12.13 12.97 48.59
CA VAL A 169 -13.58 13.01 48.57
C VAL A 169 -14.14 11.68 49.05
N SER A 170 -15.00 11.73 50.06
CA SER A 170 -15.79 10.59 50.49
C SER A 170 -17.15 10.69 49.80
N ALA A 171 -17.52 9.64 49.07
CA ALA A 171 -18.80 9.59 48.39
C ALA A 171 -19.13 8.14 48.07
N ASN A 172 -20.33 7.70 48.45
CA ASN A 172 -20.72 6.31 48.28
C ASN A 172 -21.97 6.11 47.42
N VAL A 173 -21.91 5.10 46.57
CA VAL A 173 -23.04 4.68 45.78
C VAL A 173 -23.48 3.32 46.29
N ILE A 174 -24.78 3.20 46.58
CA ILE A 174 -25.37 1.96 47.08
C ILE A 174 -26.48 1.54 46.12
N GLY A 175 -27.26 0.53 46.51
CA GLY A 175 -28.37 0.07 45.68
C GLY A 175 -27.90 -0.80 44.52
N GLY A 176 -28.60 -0.69 43.40
CA GLY A 176 -28.40 -1.60 42.28
C GLY A 176 -27.69 -1.00 41.08
N HIS A 177 -27.95 -1.59 39.91
CA HIS A 177 -27.33 -1.19 38.65
C HIS A 177 -28.10 -0.08 37.95
N GLY A 178 -27.42 0.62 37.05
CA GLY A 178 -28.05 1.60 36.16
C GLY A 178 -28.98 2.59 36.84
N ASP A 179 -30.26 2.48 36.52
CA ASP A 179 -31.28 3.35 37.11
C ASP A 179 -31.49 3.02 38.59
N GLY A 180 -31.32 1.76 38.97
CA GLY A 180 -31.44 1.33 40.35
C GLY A 180 -30.30 1.77 41.26
N MET A 181 -29.26 2.36 40.65
CA MET A 181 -28.12 2.93 41.37
C MET A 181 -28.55 4.12 42.24
N VAL A 182 -28.02 4.19 43.45
CA VAL A 182 -28.33 5.29 44.38
C VAL A 182 -27.06 5.99 44.90
N PRO A 183 -26.66 7.09 44.24
CA PRO A 183 -25.60 7.92 44.81
C PRO A 183 -26.07 8.67 46.05
N ALA A 184 -25.71 8.15 47.22
CA ALA A 184 -26.13 8.74 48.49
C ALA A 184 -25.48 10.11 48.74
N THR A 185 -26.18 11.17 48.34
CA THR A 185 -25.68 12.54 48.50
C THR A 185 -25.39 12.91 49.96
N SER A 186 -26.04 12.22 50.90
CA SER A 186 -25.79 12.41 52.32
C SER A 186 -24.47 11.81 52.80
N SER A 187 -23.85 10.96 51.97
CA SER A 187 -22.55 10.37 52.30
C SER A 187 -21.38 11.24 51.84
N VAL A 188 -21.68 12.34 51.16
CA VAL A 188 -20.67 13.12 50.45
C VAL A 188 -19.98 14.13 51.36
N SER A 189 -18.65 14.11 51.33
CA SER A 189 -17.83 15.07 52.07
C SER A 189 -16.48 15.27 51.38
N VAL A 190 -15.91 16.47 51.56
CA VAL A 190 -14.62 16.84 51.00
C VAL A 190 -13.76 17.44 52.11
N GLY A 191 -12.79 16.68 52.59
CA GLY A 191 -11.91 17.13 53.67
C GLY A 191 -12.63 17.38 54.99
N GLY A 192 -13.75 16.69 55.21
CA GLY A 192 -14.54 16.87 56.42
C GLY A 192 -15.74 17.80 56.28
N VAL A 193 -15.82 18.51 55.15
CA VAL A 193 -16.92 19.45 54.88
C VAL A 193 -18.05 18.73 54.15
N PRO A 194 -19.22 18.61 54.78
CA PRO A 194 -20.35 17.94 54.14
C PRO A 194 -20.93 18.72 52.97
N LEU A 195 -21.61 18.02 52.07
CA LEU A 195 -22.12 18.59 50.83
C LEU A 195 -23.12 19.74 51.07
N SER A 196 -23.95 19.59 52.10
CA SER A 196 -24.92 20.64 52.49
C SER A 196 -24.22 21.91 52.97
N SER A 197 -23.04 21.75 53.56
CA SER A 197 -22.25 22.89 54.02
C SER A 197 -21.67 23.68 52.85
N PHE A 198 -21.31 23.00 51.76
CA PHE A 198 -20.83 23.68 50.54
C PHE A 198 -21.95 24.48 49.87
N ILE A 199 -23.19 24.00 49.99
CA ILE A 199 -24.35 24.70 49.44
C ILE A 199 -24.53 26.05 50.15
N LYS A 200 -24.44 26.04 51.48
CA LYS A 200 -24.57 27.25 52.28
C LYS A 200 -23.44 28.24 52.06
N GLN A 201 -22.26 27.73 51.68
CA GLN A 201 -21.10 28.58 51.41
C GLN A 201 -21.09 29.13 49.99
N GLY A 202 -22.03 28.68 49.16
CA GLY A 202 -22.14 29.16 47.78
C GLY A 202 -21.14 28.56 46.81
N LEU A 203 -20.50 27.45 47.20
CA LEU A 203 -19.50 26.79 46.36
C LEU A 203 -20.11 25.75 45.42
N ILE A 204 -21.31 25.28 45.76
CA ILE A 204 -22.07 24.37 44.90
C ILE A 204 -23.57 24.58 45.07
N THR A 205 -24.32 24.29 44.01
CA THR A 205 -25.79 24.39 44.06
C THR A 205 -26.41 23.00 43.99
N GLN A 206 -27.68 22.91 44.37
CA GLN A 206 -28.40 21.63 44.34
C GLN A 206 -28.57 21.11 42.92
N GLU A 207 -28.71 22.02 41.95
CA GLU A 207 -28.82 21.64 40.53
C GLU A 207 -27.54 20.96 40.06
N GLN A 208 -26.40 21.49 40.49
CA GLN A 208 -25.09 20.92 40.17
C GLN A 208 -24.91 19.55 40.83
N ILE A 209 -25.42 19.39 42.05
CA ILE A 209 -25.40 18.11 42.74
C ILE A 209 -26.22 17.08 41.95
N ASP A 210 -27.40 17.50 41.48
CA ASP A 210 -28.30 16.64 40.71
C ASP A 210 -27.67 16.18 39.40
N GLU A 211 -26.94 17.08 38.76
CA GLU A 211 -26.23 16.75 37.52
C GLU A 211 -25.16 15.70 37.79
N ILE A 212 -24.37 15.90 38.85
CA ILE A 212 -23.34 14.94 39.27
C ILE A 212 -23.96 13.57 39.59
N VAL A 213 -25.09 13.57 40.31
CA VAL A 213 -25.82 12.33 40.61
C VAL A 213 -26.28 11.66 39.32
N CYS A 214 -26.82 12.46 38.40
CA CYS A 214 -27.28 11.98 37.10
C CYS A 214 -26.11 11.45 36.26
N HIS A 215 -25.03 12.22 36.22
CA HIS A 215 -23.81 11.85 35.50
C HIS A 215 -23.29 10.47 35.97
N THR A 216 -23.28 10.26 37.27
CA THR A 216 -22.88 8.98 37.86
C THR A 216 -23.70 7.79 37.32
N ARG A 217 -25.00 8.00 37.14
CA ARG A 217 -25.91 6.95 36.70
C ARG A 217 -25.70 6.53 35.25
N ILE A 218 -25.32 7.47 34.38
CA ILE A 218 -25.14 7.18 32.94
C ILE A 218 -23.69 7.21 32.48
N ALA A 219 -22.75 7.36 33.39
CA ALA A 219 -21.32 7.41 33.04
C ALA A 219 -20.92 6.22 32.16
N TRP A 220 -21.49 5.05 32.44
CA TRP A 220 -21.21 3.85 31.64
C TRP A 220 -21.48 4.06 30.15
N LYS A 221 -22.56 4.79 29.85
CA LYS A 221 -22.98 5.04 28.48
C LYS A 221 -22.11 6.10 27.81
N GLU A 222 -21.70 7.10 28.58
CA GLU A 222 -20.75 8.10 28.11
C GLU A 222 -19.47 7.43 27.60
N VAL A 223 -19.01 6.40 28.32
CA VAL A 223 -17.83 5.65 27.93
C VAL A 223 -18.14 4.76 26.72
N ALA A 224 -19.21 3.96 26.84
CA ALA A 224 -19.58 2.99 25.82
C ALA A 224 -19.82 3.64 24.45
N ASP A 225 -20.54 4.76 24.45
CA ASP A 225 -20.80 5.52 23.22
C ASP A 225 -19.51 6.01 22.56
N ASN A 226 -18.51 6.32 23.37
CA ASN A 226 -17.20 6.73 22.86
C ASN A 226 -16.38 5.56 22.34
N LEU A 227 -16.33 4.47 23.10
CA LEU A 227 -15.59 3.27 22.66
C LEU A 227 -16.23 2.59 21.45
N LYS A 228 -17.54 2.80 21.26
CA LYS A 228 -18.30 2.34 20.09
C LYS A 228 -18.62 0.84 20.07
N THR A 229 -17.60 0.00 20.20
CA THR A 229 -17.76 -1.45 20.08
C THR A 229 -17.47 -2.20 21.38
N GLY A 230 -17.80 -1.58 22.51
CA GLY A 230 -17.58 -2.22 23.81
C GLY A 230 -17.93 -1.34 24.99
N THR A 231 -17.83 -1.90 26.20
CA THR A 231 -18.08 -1.17 27.45
C THR A 231 -16.77 -0.93 28.21
N ALA A 232 -16.87 -0.13 29.27
CA ALA A 232 -15.72 0.21 30.11
C ALA A 232 -15.03 -1.03 30.66
N TYR A 233 -13.71 -0.94 30.82
CA TYR A 233 -12.93 -2.09 31.30
C TYR A 233 -11.66 -1.74 32.12
N PHE A 234 -11.08 -0.56 31.89
CA PHE A 234 -9.95 -0.12 32.70
C PHE A 234 -10.36 0.09 34.16
N ALA A 235 -11.41 0.87 34.38
CA ALA A 235 -11.88 1.16 35.74
C ALA A 235 -12.53 -0.06 36.43
N PRO A 236 -13.39 -0.80 35.71
CA PRO A 236 -13.93 -2.02 36.34
C PRO A 236 -12.85 -3.02 36.80
N ALA A 237 -11.76 -3.14 36.03
CA ALA A 237 -10.68 -4.06 36.38
C ALA A 237 -9.99 -3.60 37.66
N ALA A 238 -9.70 -2.30 37.73
CA ALA A 238 -9.09 -1.70 38.90
C ALA A 238 -9.97 -1.84 40.13
N ALA A 239 -11.28 -1.66 39.95
CA ALA A 239 -12.22 -1.78 41.05
C ALA A 239 -12.19 -3.19 41.64
N ALA A 240 -12.14 -4.19 40.76
CA ALA A 240 -12.06 -5.58 41.19
C ALA A 240 -10.76 -5.84 41.96
N VAL A 241 -9.65 -5.26 41.49
CA VAL A 241 -8.36 -5.42 42.15
C VAL A 241 -8.40 -4.85 43.56
N LYS A 242 -8.97 -3.66 43.72
CA LYS A 242 -9.06 -3.06 45.04
C LYS A 242 -9.84 -3.95 46.01
N MET A 243 -10.88 -4.62 45.51
CA MET A 243 -11.66 -5.56 46.32
C MET A 243 -10.82 -6.76 46.75
N ALA A 244 -10.12 -7.37 45.79
CA ALA A 244 -9.19 -8.47 46.07
C ALA A 244 -8.10 -8.08 47.06
N GLU A 245 -7.56 -6.86 46.91
CA GLU A 245 -6.55 -6.33 47.83
C GLU A 245 -7.09 -6.23 49.26
N ALA A 246 -8.33 -5.75 49.38
CA ALA A 246 -8.95 -5.58 50.69
C ALA A 246 -9.03 -6.92 51.42
N TYR A 247 -9.35 -7.96 50.68
CA TYR A 247 -9.40 -9.31 51.25
C TYR A 247 -7.99 -9.86 51.52
N LEU A 248 -7.14 -9.83 50.50
CA LEU A 248 -5.81 -10.44 50.61
C LEU A 248 -4.93 -9.80 51.67
N LYS A 249 -5.09 -8.49 51.88
CA LYS A 249 -4.32 -7.77 52.89
C LYS A 249 -5.09 -7.47 54.19
N ASP A 250 -6.31 -8.00 54.31
CA ASP A 250 -7.12 -7.86 55.54
C ASP A 250 -7.25 -6.41 55.97
N LYS A 251 -7.55 -5.53 55.02
CA LYS A 251 -7.50 -4.09 55.26
C LYS A 251 -8.59 -3.57 56.20
N LYS A 252 -9.72 -4.28 56.31
CA LYS A 252 -10.92 -3.74 56.95
C LYS A 252 -11.34 -2.49 56.20
N ALA A 253 -11.37 -2.59 54.87
CA ALA A 253 -11.61 -1.44 54.00
C ALA A 253 -13.09 -1.24 53.74
N VAL A 254 -13.49 0.02 53.58
CA VAL A 254 -14.85 0.37 53.21
C VAL A 254 -15.00 0.12 51.71
N VAL A 255 -15.67 -0.97 51.36
CA VAL A 255 -15.87 -1.35 49.97
C VAL A 255 -17.37 -1.39 49.68
N PRO A 256 -17.87 -0.40 48.92
CA PRO A 256 -19.23 -0.55 48.42
C PRO A 256 -19.32 -1.65 47.37
N CYS A 257 -20.12 -2.68 47.65
CA CYS A 257 -20.28 -3.82 46.75
C CYS A 257 -21.62 -4.53 46.94
N SER A 258 -21.93 -5.45 46.03
CA SER A 258 -23.11 -6.28 46.14
C SER A 258 -22.85 -7.36 47.18
N ALA A 259 -23.39 -7.19 48.38
CA ALA A 259 -23.13 -8.08 49.50
C ALA A 259 -24.41 -8.55 50.19
N PHE A 260 -24.32 -9.67 50.90
CA PHE A 260 -25.46 -10.24 51.61
C PHE A 260 -25.79 -9.42 52.84
N CYS A 261 -26.93 -8.74 52.77
CA CYS A 261 -27.37 -7.85 53.85
C CYS A 261 -28.43 -8.54 54.69
N SER A 262 -28.11 -8.80 55.96
CA SER A 262 -29.00 -9.57 56.85
C SER A 262 -29.86 -8.67 57.75
N ASN A 263 -29.26 -7.66 58.37
CA ASN A 263 -29.97 -6.79 59.31
C ASN A 263 -29.59 -5.31 59.16
N HIS A 264 -29.58 -4.84 57.91
CA HIS A 264 -29.30 -3.43 57.60
C HIS A 264 -30.20 -2.96 56.45
N TYR A 265 -30.45 -1.65 56.40
CA TYR A 265 -31.28 -1.02 55.36
C TYR A 265 -32.70 -1.59 55.28
N GLY A 266 -33.24 -2.03 56.41
CA GLY A 266 -34.59 -2.55 56.49
C GLY A 266 -34.85 -3.86 55.75
N VAL A 267 -33.81 -4.55 55.33
CA VAL A 267 -33.95 -5.84 54.64
C VAL A 267 -33.50 -6.99 55.53
N LYS A 268 -33.86 -8.21 55.15
CA LYS A 268 -33.52 -9.39 55.95
C LYS A 268 -33.08 -10.57 55.07
N GLY A 269 -31.84 -10.51 54.61
CA GLY A 269 -31.22 -11.61 53.88
C GLY A 269 -31.34 -11.51 52.37
N ILE A 270 -30.73 -10.47 51.80
CA ILE A 270 -30.69 -10.32 50.35
C ILE A 270 -29.38 -9.65 49.88
N TYR A 271 -28.94 -10.01 48.68
CA TYR A 271 -27.79 -9.36 48.06
C TYR A 271 -28.19 -7.99 47.55
N MET A 272 -27.41 -6.98 47.94
CA MET A 272 -27.66 -5.61 47.51
C MET A 272 -26.41 -4.76 47.69
N GLY A 273 -26.32 -3.69 46.91
CA GLY A 273 -25.18 -2.77 46.96
C GLY A 273 -25.14 -2.01 48.26
N VAL A 274 -24.17 -2.31 49.11
CA VAL A 274 -24.03 -1.69 50.43
C VAL A 274 -22.56 -1.41 50.73
N PRO A 275 -22.28 -0.43 51.60
CA PRO A 275 -20.90 -0.18 52.02
C PRO A 275 -20.44 -1.22 53.04
N THR A 276 -19.60 -2.15 52.60
CA THR A 276 -19.12 -3.24 53.44
C THR A 276 -17.77 -2.89 54.04
N ILE A 277 -17.41 -3.61 55.09
CA ILE A 277 -16.03 -3.69 55.53
C ILE A 277 -15.51 -5.05 55.01
N ILE A 278 -14.49 -5.03 54.15
CA ILE A 278 -13.88 -6.26 53.67
C ILE A 278 -12.53 -6.50 54.32
N GLY A 279 -12.32 -7.73 54.79
CA GLY A 279 -11.05 -8.18 55.35
C GLY A 279 -10.79 -9.63 55.00
N LYS A 280 -9.95 -10.31 55.79
CA LYS A 280 -9.55 -11.69 55.53
C LYS A 280 -10.68 -12.71 55.64
N ASN A 281 -11.75 -12.36 56.33
CA ASN A 281 -12.94 -13.21 56.42
C ASN A 281 -14.02 -12.78 55.42
N GLY A 282 -13.62 -12.08 54.37
CA GLY A 282 -14.55 -11.60 53.34
C GLY A 282 -15.30 -10.34 53.78
N VAL A 283 -16.62 -10.32 53.52
CA VAL A 283 -17.48 -9.26 54.01
C VAL A 283 -17.64 -9.45 55.52
N GLU A 284 -17.08 -8.55 56.30
CA GLU A 284 -17.03 -8.70 57.76
C GLU A 284 -18.04 -7.81 58.49
N ASP A 285 -18.49 -6.75 57.84
CA ASP A 285 -19.53 -5.87 58.39
C ASP A 285 -20.15 -5.05 57.27
N ILE A 286 -21.25 -4.37 57.58
CA ILE A 286 -21.92 -3.46 56.66
C ILE A 286 -22.20 -2.16 57.41
N LEU A 287 -21.82 -1.02 56.81
CA LEU A 287 -22.09 0.29 57.39
C LEU A 287 -23.48 0.79 56.97
N GLU A 288 -24.13 1.54 57.85
CA GLU A 288 -25.46 2.12 57.57
C GLU A 288 -25.36 3.63 57.34
N LEU A 289 -25.62 4.05 56.10
CA LEU A 289 -25.63 5.48 55.76
C LEU A 289 -26.99 6.10 56.10
N ASP A 290 -26.97 7.38 56.48
CA ASP A 290 -28.21 8.14 56.66
C ASP A 290 -28.82 8.46 55.31
N LEU A 291 -29.96 7.86 55.00
CA LEU A 291 -30.63 8.07 53.74
C LEU A 291 -31.82 9.01 53.89
N THR A 292 -31.93 9.97 52.99
CA THR A 292 -33.10 10.84 52.94
C THR A 292 -34.28 10.02 52.41
N PRO A 293 -35.52 10.43 52.73
CA PRO A 293 -36.71 9.72 52.26
C PRO A 293 -36.68 9.37 50.77
N LEU A 294 -36.18 10.27 49.94
CA LEU A 294 -36.09 10.05 48.50
C LEU A 294 -35.11 8.92 48.16
N GLU A 295 -33.98 8.88 48.86
CA GLU A 295 -32.97 7.83 48.67
C GLU A 295 -33.49 6.47 49.14
N GLN A 296 -34.37 6.47 50.14
CA GLN A 296 -35.00 5.25 50.64
C GLN A 296 -35.91 4.63 49.57
N LYS A 297 -36.74 5.47 48.95
CA LYS A 297 -37.63 5.03 47.87
C LYS A 297 -36.83 4.38 46.75
N LEU A 298 -35.76 5.06 46.34
CA LEU A 298 -34.90 4.58 45.27
C LEU A 298 -34.26 3.24 45.63
N LEU A 299 -33.81 3.10 46.87
CA LEU A 299 -33.25 1.83 47.35
C LEU A 299 -34.32 0.75 47.36
N GLY A 300 -35.51 1.10 47.86
CA GLY A 300 -36.64 0.17 47.88
C GLY A 300 -36.95 -0.39 46.50
N GLU A 301 -37.01 0.48 45.51
CA GLU A 301 -37.28 0.09 44.12
C GLU A 301 -36.19 -0.82 43.55
N SER A 302 -34.93 -0.60 43.96
CA SER A 302 -33.83 -1.45 43.54
C SER A 302 -33.96 -2.85 44.13
N ILE A 303 -34.24 -2.90 45.44
CA ILE A 303 -34.43 -4.17 46.14
C ILE A 303 -35.62 -4.94 45.57
N ASN A 304 -36.67 -4.22 45.18
CA ASN A 304 -37.88 -4.84 44.66
C ASN A 304 -37.66 -5.49 43.29
N GLU A 305 -36.81 -4.89 42.46
CA GLU A 305 -36.47 -5.45 41.15
C GLU A 305 -35.63 -6.72 41.28
N VAL A 306 -34.80 -6.79 42.32
CA VAL A 306 -33.95 -7.96 42.56
C VAL A 306 -34.81 -9.18 42.90
N ASN A 307 -35.88 -8.97 43.67
CA ASN A 307 -36.82 -10.04 43.99
C ASN A 307 -37.53 -10.58 42.75
N THR A 308 -37.94 -9.67 41.85
CA THR A 308 -38.68 -10.04 40.65
C THR A 308 -37.82 -10.85 39.68
N ILE A 309 -36.63 -10.35 39.38
CA ILE A 309 -35.76 -10.99 38.38
C ILE A 309 -35.19 -12.32 38.91
N SER A 310 -34.93 -12.39 40.22
CA SER A 310 -34.48 -13.63 40.83
C SER A 310 -35.58 -14.70 40.84
N LYS A 311 -36.83 -14.26 41.02
CA LYS A 311 -37.98 -15.17 41.01
C LYS A 311 -38.12 -15.85 39.65
N VAL A 312 -37.84 -15.12 38.57
CA VAL A 312 -37.84 -15.68 37.23
C VAL A 312 -36.71 -16.71 37.13
N LEU A 313 -37.08 -17.99 37.27
CA LEU A 313 -36.09 -19.07 37.28
C LEU A 313 -36.75 -20.42 36.95
N ASP A 314 -36.98 -20.66 35.66
CA ASP A 314 -37.56 -21.92 35.19
C ASP A 314 -36.84 -22.38 33.92
N MET B 1 10.22 26.16 38.35
CA MET B 1 8.85 26.10 38.93
C MET B 1 8.26 24.73 38.64
N ILE B 2 7.27 24.33 39.43
CA ILE B 2 6.68 23.00 39.30
C ILE B 2 5.57 22.97 38.26
N GLU B 3 5.73 22.10 37.26
CA GLU B 3 4.66 21.72 36.35
C GLU B 3 4.51 20.22 36.44
N ARG B 4 3.28 19.74 36.29
CA ARG B 4 3.04 18.31 36.15
C ARG B 4 3.75 17.80 34.88
N ARG B 5 4.39 16.64 34.98
CA ARG B 5 4.99 16.01 33.81
C ARG B 5 3.88 15.68 32.82
N LYS B 6 4.19 15.78 31.53
CA LYS B 6 3.18 15.55 30.49
C LYS B 6 3.70 14.57 29.44
N ILE B 7 2.96 13.47 29.28
CA ILE B 7 3.23 12.46 28.27
C ILE B 7 2.10 12.44 27.24
N ALA B 8 2.44 12.66 25.97
CA ALA B 8 1.49 12.51 24.88
C ALA B 8 1.67 11.12 24.25
N VAL B 9 0.55 10.39 24.13
CA VAL B 9 0.54 9.08 23.51
C VAL B 9 -0.23 9.20 22.19
N ILE B 10 0.46 9.01 21.07
CA ILE B 10 -0.17 9.10 19.75
C ILE B 10 -0.68 7.73 19.34
N GLY B 11 -2.01 7.61 19.25
CA GLY B 11 -2.65 6.37 18.83
C GLY B 11 -3.34 5.70 20.00
N SER B 12 -4.66 5.57 19.90
CA SER B 12 -5.48 5.03 20.97
C SER B 12 -5.81 3.55 20.75
N GLY B 13 -4.91 2.82 20.09
CA GLY B 13 -5.03 1.38 19.95
C GLY B 13 -4.76 0.69 21.27
N GLN B 14 -4.48 -0.60 21.21
CA GLN B 14 -4.32 -1.39 22.43
C GLN B 14 -3.07 -1.00 23.22
N ILE B 15 -1.96 -0.76 22.53
CA ILE B 15 -0.72 -0.34 23.21
C ILE B 15 -0.89 1.03 23.85
N GLY B 16 -1.37 1.99 23.07
CA GLY B 16 -1.55 3.36 23.55
C GLY B 16 -2.45 3.46 24.76
N GLY B 17 -3.54 2.71 24.76
CA GLY B 17 -4.48 2.71 25.88
C GLY B 17 -3.83 2.22 27.17
N ASN B 18 -3.09 1.12 27.09
CA ASN B 18 -2.42 0.58 28.29
C ASN B 18 -1.25 1.42 28.77
N ILE B 19 -0.58 2.14 27.87
CA ILE B 19 0.43 3.12 28.29
C ILE B 19 -0.23 4.18 29.17
N ALA B 20 -1.29 4.80 28.67
CA ALA B 20 -2.04 5.81 29.41
C ALA B 20 -2.51 5.32 30.79
N TYR B 21 -2.97 4.07 30.82
CA TYR B 21 -3.45 3.41 32.05
C TYR B 21 -2.34 3.30 33.08
N ILE B 22 -1.21 2.77 32.65
CA ILE B 22 -0.06 2.54 33.51
C ILE B 22 0.55 3.86 33.98
N VAL B 23 0.73 4.80 33.04
CA VAL B 23 1.27 6.11 33.38
C VAL B 23 0.40 6.76 34.45
N GLY B 24 -0.91 6.76 34.23
CA GLY B 24 -1.85 7.31 35.19
C GLY B 24 -1.81 6.57 36.52
N LYS B 25 -1.84 5.25 36.46
CA LYS B 25 -1.82 4.41 37.65
C LYS B 25 -0.61 4.71 38.54
N ASP B 26 0.55 4.90 37.91
CA ASP B 26 1.79 5.19 38.62
C ASP B 26 1.94 6.67 39.00
N ASN B 27 1.05 7.52 38.52
CA ASN B 27 1.13 8.97 38.72
C ASN B 27 2.46 9.55 38.21
N LEU B 28 2.94 8.98 37.09
CA LEU B 28 4.20 9.42 36.49
C LEU B 28 4.05 10.76 35.79
N ALA B 29 2.85 11.01 35.26
CA ALA B 29 2.59 12.20 34.46
C ALA B 29 1.10 12.32 34.17
N ASP B 30 0.70 13.48 33.66
CA ASP B 30 -0.57 13.61 32.95
C ASP B 30 -0.42 12.95 31.58
N VAL B 31 -1.53 12.49 31.02
CA VAL B 31 -1.53 11.88 29.70
C VAL B 31 -2.48 12.60 28.75
N VAL B 32 -1.98 12.87 27.55
CA VAL B 32 -2.83 13.27 26.44
C VAL B 32 -2.83 12.13 25.43
N LEU B 33 -3.98 11.49 25.27
CA LEU B 33 -4.13 10.38 24.34
C LEU B 33 -4.70 10.90 23.02
N PHE B 34 -3.85 10.98 22.01
CA PHE B 34 -4.20 11.56 20.73
C PHE B 34 -4.56 10.47 19.72
N ASP B 35 -5.70 10.65 19.06
CA ASP B 35 -6.03 9.84 17.89
C ASP B 35 -7.04 10.59 17.01
N ILE B 36 -6.94 10.37 15.71
CA ILE B 36 -7.85 11.00 14.75
C ILE B 36 -9.23 10.34 14.84
N ALA B 37 -9.24 9.03 15.10
CA ALA B 37 -10.48 8.27 15.22
C ALA B 37 -11.39 8.88 16.27
N GLU B 38 -12.67 9.00 15.94
CA GLU B 38 -13.63 9.70 16.79
C GLU B 38 -14.08 8.80 17.94
N GLY B 39 -14.14 9.35 19.14
CA GLY B 39 -14.66 8.64 20.30
C GLY B 39 -13.65 7.81 21.08
N ILE B 40 -12.86 7.01 20.37
CA ILE B 40 -11.97 6.03 21.01
C ILE B 40 -11.07 6.64 22.10
N PRO B 41 -10.27 7.66 21.77
CA PRO B 41 -9.37 8.21 22.79
C PRO B 41 -10.10 8.89 23.94
N GLN B 42 -11.28 9.46 23.66
CA GLN B 42 -12.07 10.09 24.69
C GLN B 42 -12.61 9.03 25.66
N GLY B 43 -13.10 7.92 25.11
CA GLY B 43 -13.68 6.83 25.91
C GLY B 43 -12.67 6.15 26.81
N LYS B 44 -11.51 5.81 26.26
CA LYS B 44 -10.44 5.20 27.04
C LYS B 44 -9.95 6.16 28.13
N ALA B 45 -9.82 7.44 27.78
CA ALA B 45 -9.35 8.46 28.74
C ALA B 45 -10.36 8.66 29.86
N LEU B 46 -11.64 8.63 29.53
CA LEU B 46 -12.70 8.72 30.54
C LEU B 46 -12.67 7.51 31.46
N ASP B 47 -12.54 6.33 30.84
CA ASP B 47 -12.49 5.07 31.59
C ASP B 47 -11.28 5.08 32.53
N ILE B 48 -10.11 5.36 31.98
CA ILE B 48 -8.89 5.44 32.78
C ILE B 48 -9.02 6.50 33.88
N THR B 49 -9.60 7.65 33.53
CA THR B 49 -9.84 8.72 34.49
C THR B 49 -10.59 8.21 35.72
N HIS B 50 -11.61 7.39 35.50
CA HIS B 50 -12.41 6.85 36.63
C HIS B 50 -11.60 5.98 37.58
N SER B 51 -10.55 5.34 37.06
CA SER B 51 -9.70 4.46 37.88
C SER B 51 -8.67 5.21 38.72
N MET B 52 -8.37 6.47 38.39
CA MET B 52 -7.29 7.19 39.05
C MET B 52 -7.47 7.24 40.57
N VAL B 53 -8.70 7.54 41.00
CA VAL B 53 -9.03 7.55 42.42
C VAL B 53 -8.82 6.18 43.07
N MET B 54 -9.05 5.11 42.30
CA MET B 54 -8.88 3.75 42.81
C MET B 54 -7.41 3.47 43.11
N PHE B 55 -6.53 4.02 42.27
CA PHE B 55 -5.08 3.88 42.45
C PHE B 55 -4.46 4.97 43.32
N GLY B 56 -5.27 5.91 43.80
CA GLY B 56 -4.77 7.05 44.58
C GLY B 56 -3.95 8.03 43.75
N SER B 57 -4.18 8.07 42.44
CA SER B 57 -3.41 8.94 41.54
C SER B 57 -4.19 10.20 41.18
N THR B 58 -3.48 11.32 41.04
CA THR B 58 -4.10 12.56 40.59
C THR B 58 -3.75 12.89 39.14
N SER B 59 -3.17 11.93 38.43
CA SER B 59 -2.87 12.10 37.01
C SER B 59 -4.14 12.42 36.23
N LYS B 60 -4.03 13.42 35.35
CA LYS B 60 -5.13 13.79 34.47
C LYS B 60 -4.91 13.06 33.15
N VAL B 61 -5.97 12.44 32.64
CA VAL B 61 -5.89 11.67 31.40
C VAL B 61 -7.02 12.11 30.48
N ILE B 62 -6.67 12.72 29.35
CA ILE B 62 -7.67 13.23 28.39
C ILE B 62 -7.45 12.66 27.00
N GLY B 63 -8.54 12.61 26.22
CA GLY B 63 -8.51 12.18 24.83
C GLY B 63 -8.74 13.37 23.90
N THR B 64 -8.14 13.32 22.72
CA THR B 64 -8.18 14.46 21.79
C THR B 64 -7.82 14.08 20.37
N ASN B 65 -8.15 14.97 19.44
CA ASN B 65 -7.69 14.86 18.05
C ASN B 65 -7.00 16.15 17.59
N ASP B 66 -6.62 16.99 18.55
CA ASP B 66 -6.00 18.30 18.28
C ASP B 66 -4.57 18.31 18.82
N TYR B 67 -3.60 18.48 17.92
CA TYR B 67 -2.19 18.53 18.34
C TYR B 67 -1.89 19.67 19.32
N ALA B 68 -2.71 20.71 19.32
CA ALA B 68 -2.57 21.80 20.27
C ALA B 68 -2.53 21.29 21.72
N ASP B 69 -3.28 20.23 22.00
CA ASP B 69 -3.35 19.64 23.34
C ASP B 69 -2.07 18.93 23.80
N ILE B 70 -1.13 18.66 22.89
CA ILE B 70 0.17 18.08 23.29
C ILE B 70 1.24 19.15 23.52
N SER B 71 0.84 20.42 23.60
CA SER B 71 1.75 21.51 23.90
C SER B 71 2.47 21.30 25.24
N GLY B 72 3.80 21.42 25.23
CA GLY B 72 4.58 21.29 26.46
C GLY B 72 4.83 19.86 26.92
N SER B 73 4.67 18.91 26.00
CA SER B 73 4.86 17.49 26.33
C SER B 73 6.33 17.21 26.58
N ASP B 74 6.60 16.51 27.68
CA ASP B 74 7.94 16.12 28.05
C ASP B 74 8.33 14.88 27.26
N VAL B 75 7.36 13.99 27.05
CA VAL B 75 7.58 12.78 26.27
C VAL B 75 6.45 12.58 25.26
N VAL B 76 6.81 12.13 24.06
CA VAL B 76 5.83 11.75 23.06
C VAL B 76 6.08 10.29 22.68
N ILE B 77 5.05 9.46 22.83
CA ILE B 77 5.15 8.05 22.48
C ILE B 77 4.26 7.80 21.26
N ILE B 78 4.86 7.37 20.16
CA ILE B 78 4.13 7.24 18.91
C ILE B 78 3.81 5.77 18.64
N THR B 79 2.54 5.40 18.80
CA THR B 79 2.08 4.03 18.56
C THR B 79 1.31 3.88 17.24
N ALA B 80 0.89 4.99 16.65
CA ALA B 80 0.04 4.98 15.46
C ALA B 80 0.79 4.49 14.22
N LEU B 93 2.01 -1.33 6.25
CA LEU B 93 2.42 -0.48 5.14
C LEU B 93 3.60 0.40 5.55
N LEU B 94 4.65 0.40 4.74
CA LEU B 94 5.85 1.21 5.00
C LEU B 94 5.55 2.70 4.76
N PHE B 95 5.04 3.01 3.56
CA PHE B 95 4.70 4.38 3.19
C PHE B 95 3.66 4.99 4.14
N GLY B 96 2.66 4.20 4.50
CA GLY B 96 1.59 4.63 5.42
C GLY B 96 2.11 5.01 6.80
N ASN B 97 3.04 4.21 7.32
CA ASN B 97 3.70 4.53 8.59
C ASN B 97 4.45 5.86 8.53
N ALA B 98 5.10 6.10 7.39
CA ALA B 98 5.83 7.36 7.17
C ALA B 98 4.88 8.56 7.16
N ARG B 99 3.69 8.38 6.59
CA ARG B 99 2.69 9.45 6.52
C ARG B 99 2.28 9.86 7.94
N ILE B 100 2.05 8.86 8.79
CA ILE B 100 1.69 9.11 10.19
C ILE B 100 2.80 9.86 10.93
N LEU B 101 4.04 9.41 10.76
CA LEU B 101 5.17 10.04 11.42
C LEU B 101 5.35 11.50 10.98
N ASP B 102 5.21 11.74 9.68
CA ASP B 102 5.29 13.10 9.12
C ASP B 102 4.30 14.03 9.80
N SER B 103 3.08 13.54 9.98
CA SER B 103 2.02 14.32 10.62
C SER B 103 2.35 14.63 12.09
N VAL B 104 2.82 13.63 12.82
CA VAL B 104 3.20 13.83 14.23
C VAL B 104 4.40 14.75 14.31
N ALA B 105 5.37 14.54 13.42
CA ALA B 105 6.58 15.35 13.40
C ALA B 105 6.26 16.84 13.30
N GLU B 106 5.25 17.18 12.51
CA GLU B 106 4.80 18.57 12.38
C GLU B 106 4.14 19.05 13.68
N GLY B 107 3.34 18.20 14.29
CA GLY B 107 2.72 18.51 15.57
C GLY B 107 3.75 18.74 16.68
N VAL B 108 4.75 17.86 16.74
CA VAL B 108 5.78 17.95 17.78
C VAL B 108 6.66 19.20 17.63
N LYS B 109 7.09 19.51 16.39
CA LYS B 109 7.94 20.68 16.18
C LYS B 109 7.23 22.00 16.47
N LYS B 110 5.92 22.05 16.25
CA LYS B 110 5.13 23.24 16.57
C LYS B 110 4.79 23.36 18.05
N TYR B 111 4.45 22.24 18.68
CA TYR B 111 3.87 22.28 20.03
C TYR B 111 4.77 21.74 21.16
N CYS B 112 5.73 20.87 20.85
CA CYS B 112 6.63 20.34 21.87
C CYS B 112 7.98 19.88 21.31
N PRO B 113 8.77 20.82 20.77
CA PRO B 113 10.07 20.46 20.17
C PRO B 113 11.13 20.00 21.17
N ASN B 114 10.93 20.26 22.46
CA ASN B 114 11.81 19.77 23.51
C ASN B 114 11.44 18.38 24.04
N ALA B 115 10.40 17.77 23.46
CA ALA B 115 9.96 16.45 23.90
C ALA B 115 10.99 15.37 23.56
N PHE B 116 11.06 14.35 24.44
CA PHE B 116 11.75 13.10 24.15
C PHE B 116 10.75 12.20 23.41
N VAL B 117 11.12 11.73 22.23
CA VAL B 117 10.19 11.00 21.37
C VAL B 117 10.55 9.52 21.29
N ILE B 118 9.59 8.67 21.65
CA ILE B 118 9.74 7.21 21.61
C ILE B 118 8.82 6.65 20.53
N CYS B 119 9.40 6.02 19.52
CA CYS B 119 8.62 5.46 18.41
C CYS B 119 8.36 3.98 18.61
N ILE B 120 7.12 3.55 18.34
CA ILE B 120 6.76 2.13 18.30
C ILE B 120 6.06 1.86 16.97
N THR B 121 6.84 1.91 15.88
CA THR B 121 6.28 1.83 14.52
C THR B 121 7.26 1.12 13.58
N ASN B 122 6.83 0.01 13.00
CA ASN B 122 7.70 -0.85 12.19
C ASN B 122 7.78 -0.42 10.72
N PRO B 123 8.95 -0.64 10.06
CA PRO B 123 10.20 -1.19 10.59
C PRO B 123 10.92 -0.14 11.44
N LEU B 124 11.24 -0.51 12.68
CA LEU B 124 11.56 0.47 13.73
C LEU B 124 12.72 1.40 13.40
N ASP B 125 13.91 0.84 13.26
CA ASP B 125 15.13 1.63 13.07
C ASP B 125 15.02 2.63 11.92
N VAL B 126 14.44 2.17 10.81
CA VAL B 126 14.17 3.00 9.64
C VAL B 126 13.20 4.13 9.97
N MET B 127 12.12 3.80 10.67
CA MET B 127 11.08 4.77 11.00
C MET B 127 11.53 5.83 12.01
N VAL B 128 12.38 5.40 12.96
CA VAL B 128 12.97 6.31 13.93
C VAL B 128 13.88 7.32 13.21
N SER B 129 14.69 6.83 12.29
CA SER B 129 15.57 7.68 11.49
C SER B 129 14.74 8.72 10.73
N HIS B 130 13.64 8.26 10.14
CA HIS B 130 12.75 9.14 9.39
C HIS B 130 12.14 10.24 10.26
N PHE B 131 11.69 9.89 11.47
CA PHE B 131 11.08 10.89 12.34
C PHE B 131 12.08 11.97 12.74
N GLN B 132 13.30 11.55 13.06
CA GLN B 132 14.39 12.48 13.36
C GLN B 132 14.63 13.44 12.19
N LYS B 133 14.67 12.90 10.98
CA LYS B 133 14.92 13.70 9.78
C LYS B 133 13.84 14.76 9.54
N VAL B 134 12.57 14.35 9.60
CA VAL B 134 11.45 15.23 9.28
C VAL B 134 11.11 16.18 10.44
N SER B 135 11.32 15.73 11.68
CA SER B 135 11.10 16.58 12.84
C SER B 135 12.29 17.52 13.05
N GLY B 136 13.50 17.04 12.76
CA GLY B 136 14.71 17.81 13.01
C GLY B 136 15.09 17.91 14.48
N LEU B 137 14.54 17.01 15.32
CA LEU B 137 14.87 17.00 16.75
C LEU B 137 16.27 16.47 16.94
N PRO B 138 16.93 16.87 18.04
CA PRO B 138 18.26 16.30 18.30
C PRO B 138 18.23 14.78 18.24
N HIS B 139 19.26 14.16 17.65
CA HIS B 139 19.30 12.71 17.45
C HIS B 139 19.14 11.98 18.79
N ASN B 140 19.80 12.49 19.82
CA ASN B 140 19.67 11.95 21.18
C ASN B 140 18.27 12.05 21.82
N LYS B 141 17.35 12.77 21.18
CA LYS B 141 15.99 12.95 21.72
C LYS B 141 14.91 12.14 21.00
N VAL B 142 15.32 11.35 20.00
CA VAL B 142 14.40 10.49 19.25
C VAL B 142 14.92 9.06 19.31
N CYS B 143 14.05 8.12 19.68
CA CYS B 143 14.44 6.71 19.74
C CYS B 143 13.25 5.81 19.45
N GLY B 144 13.50 4.50 19.38
CA GLY B 144 12.45 3.51 19.16
C GLY B 144 12.42 2.43 20.23
N MET B 145 11.22 1.99 20.60
CA MET B 145 11.03 0.87 21.53
C MET B 145 11.06 -0.44 20.75
N ALA B 146 12.08 -1.25 21.00
CA ALA B 146 12.09 -2.66 20.64
C ALA B 146 12.93 -3.46 21.65
N GLY B 147 14.16 -3.01 21.86
CA GLY B 147 15.13 -3.69 22.71
C GLY B 147 14.66 -4.04 24.10
N VAL B 148 13.88 -3.15 24.74
CA VAL B 148 13.39 -3.42 26.08
C VAL B 148 12.40 -4.58 26.06
N LEU B 149 11.54 -4.63 25.05
CA LEU B 149 10.61 -5.73 24.90
C LEU B 149 11.38 -7.03 24.65
N ASP B 150 12.25 -7.01 23.64
CA ASP B 150 13.06 -8.19 23.29
C ASP B 150 13.96 -8.62 24.45
N SER B 151 14.63 -7.66 25.09
CA SER B 151 15.50 -7.96 26.23
C SER B 151 14.73 -8.55 27.42
N SER B 152 13.51 -8.07 27.65
CA SER B 152 12.68 -8.57 28.75
C SER B 152 12.29 -10.03 28.51
N ARG B 153 11.94 -10.34 27.27
CA ARG B 153 11.65 -11.72 26.88
C ARG B 153 12.89 -12.60 27.06
N PHE B 154 14.01 -12.13 26.52
CA PHE B 154 15.31 -12.81 26.65
C PHE B 154 15.62 -13.12 28.11
N ARG B 155 15.51 -12.12 28.97
CA ARG B 155 15.78 -12.28 30.40
C ARG B 155 14.81 -13.28 31.04
N THR B 156 13.53 -13.17 30.67
CA THR B 156 12.49 -14.05 31.19
C THR B 156 12.77 -15.52 30.86
N PHE B 157 13.08 -15.79 29.60
CA PHE B 157 13.36 -17.16 29.18
C PHE B 157 14.59 -17.73 29.90
N ILE B 158 15.65 -16.93 30.05
CA ILE B 158 16.82 -17.36 30.82
C ILE B 158 16.46 -17.59 32.29
N ALA B 159 15.64 -16.71 32.85
CA ALA B 159 15.13 -16.85 34.21
C ALA B 159 14.32 -18.13 34.42
N GLN B 160 13.46 -18.45 33.46
CA GLN B 160 12.64 -19.66 33.51
C GLN B 160 13.49 -20.92 33.57
N HIS B 161 14.54 -20.95 32.74
CA HIS B 161 15.46 -22.08 32.71
C HIS B 161 16.18 -22.32 34.03
N PHE B 162 16.70 -21.26 34.64
CA PHE B 162 17.46 -21.39 35.89
C PHE B 162 16.58 -21.39 37.14
N GLY B 163 15.30 -21.09 36.98
CA GLY B 163 14.39 -20.97 38.10
C GLY B 163 14.74 -19.83 39.02
N VAL B 164 14.96 -18.65 38.44
CA VAL B 164 15.35 -17.46 39.21
C VAL B 164 14.51 -16.24 38.84
N ASN B 165 14.49 -15.25 39.73
CA ASN B 165 13.89 -13.95 39.44
C ASN B 165 14.49 -13.34 38.18
N ALA B 166 13.66 -13.02 37.20
CA ALA B 166 14.15 -12.45 35.95
C ALA B 166 14.87 -11.12 36.15
N SER B 167 14.42 -10.33 37.13
CA SER B 167 15.07 -9.07 37.49
C SER B 167 16.55 -9.24 37.86
N ASP B 168 16.93 -10.42 38.36
CA ASP B 168 18.34 -10.71 38.65
C ASP B 168 19.10 -11.33 37.46
N VAL B 169 18.45 -11.38 36.31
CA VAL B 169 19.13 -11.80 35.09
C VAL B 169 19.48 -10.55 34.29
N SER B 170 20.71 -10.48 33.83
CA SER B 170 21.13 -9.42 32.92
C SER B 170 21.28 -10.03 31.55
N ALA B 171 20.58 -9.47 30.57
CA ALA B 171 20.61 -9.99 29.22
C ALA B 171 20.03 -8.97 28.26
N ASN B 172 20.81 -8.60 27.25
CA ASN B 172 20.42 -7.58 26.29
C ASN B 172 20.27 -8.11 24.87
N VAL B 173 19.27 -7.58 24.18
CA VAL B 173 19.05 -7.82 22.77
C VAL B 173 19.33 -6.51 22.03
N ILE B 174 20.16 -6.59 20.99
CA ILE B 174 20.51 -5.43 20.17
C ILE B 174 20.15 -5.72 18.71
N GLY B 175 20.47 -4.78 17.82
CA GLY B 175 20.17 -4.93 16.40
C GLY B 175 18.73 -4.59 16.09
N GLY B 176 18.18 -5.22 15.05
CA GLY B 176 16.84 -4.88 14.56
C GLY B 176 15.77 -5.85 15.00
N HIS B 177 15.03 -6.37 14.02
CA HIS B 177 13.84 -7.18 14.28
C HIS B 177 13.90 -8.51 13.53
N GLY B 178 13.13 -9.48 13.99
CA GLY B 178 13.11 -10.81 13.38
C GLY B 178 14.48 -11.46 13.46
N ASP B 179 15.04 -11.81 12.31
CA ASP B 179 16.40 -12.38 12.24
C ASP B 179 17.48 -11.31 12.40
N GLY B 180 17.09 -10.03 12.28
CA GLY B 180 18.01 -8.92 12.53
C GLY B 180 18.21 -8.66 14.02
N MET B 181 17.28 -9.17 14.83
CA MET B 181 17.38 -9.11 16.27
C MET B 181 18.56 -9.95 16.76
N VAL B 182 19.38 -9.39 17.65
CA VAL B 182 20.58 -10.09 18.14
C VAL B 182 20.59 -10.20 19.67
N PRO B 183 20.04 -11.31 20.20
CA PRO B 183 20.20 -11.60 21.62
C PRO B 183 21.65 -11.92 21.98
N ALA B 184 22.31 -11.01 22.67
CA ALA B 184 23.75 -11.14 22.93
C ALA B 184 24.04 -12.12 24.05
N THR B 185 24.25 -13.39 23.71
CA THR B 185 24.55 -14.44 24.70
C THR B 185 25.72 -14.04 25.60
N SER B 186 26.67 -13.32 25.03
CA SER B 186 27.81 -12.77 25.77
C SER B 186 27.43 -11.74 26.84
N SER B 187 26.26 -11.13 26.70
CA SER B 187 25.77 -10.17 27.70
C SER B 187 25.08 -10.85 28.88
N VAL B 188 24.85 -12.15 28.79
CA VAL B 188 23.98 -12.84 29.73
C VAL B 188 24.66 -13.10 31.06
N SER B 189 23.97 -12.77 32.14
CA SER B 189 24.49 -12.94 33.49
C SER B 189 23.35 -13.27 34.45
N VAL B 190 23.59 -14.19 35.38
CA VAL B 190 22.61 -14.52 36.42
C VAL B 190 23.30 -14.41 37.77
N GLY B 191 22.91 -13.42 38.56
CA GLY B 191 23.53 -13.16 39.85
C GLY B 191 25.04 -12.96 39.77
N GLY B 192 25.51 -12.42 38.64
CA GLY B 192 26.95 -12.25 38.40
C GLY B 192 27.66 -13.44 37.76
N VAL B 193 26.97 -14.56 37.58
CA VAL B 193 27.55 -15.75 36.96
C VAL B 193 27.32 -15.71 35.45
N PRO B 194 28.40 -15.61 34.67
CA PRO B 194 28.25 -15.56 33.21
C PRO B 194 27.75 -16.88 32.64
N LEU B 195 27.15 -16.81 31.47
CA LEU B 195 26.59 -17.99 30.80
C LEU B 195 27.66 -19.05 30.59
N SER B 196 28.87 -18.63 30.23
CA SER B 196 29.98 -19.55 29.99
C SER B 196 30.33 -20.36 31.25
N SER B 197 30.18 -19.73 32.41
CA SER B 197 30.45 -20.40 33.68
C SER B 197 29.38 -21.45 34.01
N PHE B 198 28.13 -21.20 33.60
CA PHE B 198 27.05 -22.17 33.82
C PHE B 198 27.25 -23.43 32.97
N ILE B 199 27.69 -23.26 31.72
CA ILE B 199 27.96 -24.39 30.84
C ILE B 199 28.97 -25.32 31.48
N LYS B 200 30.06 -24.75 32.00
CA LYS B 200 31.10 -25.51 32.69
C LYS B 200 30.59 -26.21 33.95
N GLN B 201 29.61 -25.60 34.62
CA GLN B 201 29.00 -26.19 35.82
C GLN B 201 27.93 -27.23 35.50
N GLY B 202 27.56 -27.35 34.23
CA GLY B 202 26.58 -28.35 33.79
C GLY B 202 25.15 -27.96 34.10
N LEU B 203 24.91 -26.67 34.31
CA LEU B 203 23.58 -26.16 34.61
C LEU B 203 22.83 -25.73 33.35
N ILE B 204 23.56 -25.57 32.24
CA ILE B 204 22.93 -25.32 30.94
C ILE B 204 23.82 -25.84 29.81
N THR B 205 23.21 -26.18 28.68
CA THR B 205 23.98 -26.57 27.49
C THR B 205 23.89 -25.50 26.40
N GLN B 206 24.76 -25.59 25.41
CA GLN B 206 24.75 -24.68 24.28
C GLN B 206 23.47 -24.84 23.47
N GLU B 207 22.92 -26.06 23.48
CA GLU B 207 21.67 -26.35 22.77
C GLU B 207 20.50 -25.59 23.38
N GLN B 208 20.45 -25.57 24.71
CA GLN B 208 19.39 -24.87 25.45
C GLN B 208 19.51 -23.35 25.30
N ILE B 209 20.75 -22.85 25.27
CA ILE B 209 21.00 -21.43 25.01
C ILE B 209 20.51 -21.04 23.61
N ASP B 210 20.82 -21.88 22.62
CA ASP B 210 20.38 -21.67 21.24
C ASP B 210 18.85 -21.62 21.14
N GLU B 211 18.17 -22.49 21.89
CA GLU B 211 16.70 -22.51 21.91
C GLU B 211 16.13 -21.23 22.52
N ILE B 212 16.75 -20.76 23.59
CA ILE B 212 16.30 -19.52 24.25
C ILE B 212 16.46 -18.33 23.28
N VAL B 213 17.60 -18.26 22.61
CA VAL B 213 17.86 -17.24 21.60
C VAL B 213 16.81 -17.29 20.50
N CYS B 214 16.53 -18.49 19.99
CA CYS B 214 15.49 -18.67 18.97
C CYS B 214 14.11 -18.29 19.51
N HIS B 215 13.84 -18.67 20.76
CA HIS B 215 12.57 -18.35 21.42
C HIS B 215 12.34 -16.84 21.53
N THR B 216 13.42 -16.10 21.80
CA THR B 216 13.36 -14.63 21.88
C THR B 216 12.96 -14.01 20.55
N ARG B 217 13.46 -14.57 19.45
CA ARG B 217 13.16 -14.07 18.10
C ARG B 217 11.72 -14.30 17.69
N ILE B 218 11.16 -15.45 18.05
CA ILE B 218 9.81 -15.81 17.61
C ILE B 218 8.71 -15.60 18.66
N ALA B 219 9.09 -15.07 19.83
CA ALA B 219 8.13 -14.85 20.92
C ALA B 219 6.90 -14.04 20.48
N TRP B 220 7.10 -13.02 19.66
CA TRP B 220 5.99 -12.22 19.13
C TRP B 220 4.91 -13.09 18.49
N LYS B 221 5.34 -14.13 17.77
CA LYS B 221 4.41 -15.03 17.06
C LYS B 221 3.72 -15.99 18.01
N GLU B 222 4.44 -16.46 19.02
CA GLU B 222 3.85 -17.27 20.08
C GLU B 222 2.64 -16.54 20.69
N VAL B 223 2.78 -15.25 20.96
CA VAL B 223 1.67 -14.45 21.49
C VAL B 223 0.61 -14.19 20.42
N ALA B 224 1.05 -13.78 19.23
CA ALA B 224 0.13 -13.45 18.13
C ALA B 224 -0.73 -14.64 17.70
N ASP B 225 -0.12 -15.82 17.59
CA ASP B 225 -0.87 -17.03 17.24
C ASP B 225 -1.92 -17.39 18.27
N ASN B 226 -1.64 -17.10 19.54
CA ASN B 226 -2.60 -17.37 20.62
C ASN B 226 -3.70 -16.31 20.70
N LEU B 227 -3.35 -15.05 20.50
CA LEU B 227 -4.36 -13.97 20.50
C LEU B 227 -5.27 -14.04 19.28
N LYS B 228 -4.74 -14.55 18.16
CA LYS B 228 -5.49 -14.78 16.93
C LYS B 228 -5.90 -13.53 16.15
N THR B 229 -6.36 -12.48 16.84
CA THR B 229 -6.83 -11.26 16.20
C THR B 229 -6.03 -10.01 16.60
N GLY B 230 -4.74 -10.17 16.84
CA GLY B 230 -3.88 -9.03 17.20
C GLY B 230 -2.49 -9.45 17.63
N THR B 231 -1.64 -8.46 17.92
CA THR B 231 -0.28 -8.72 18.41
C THR B 231 -0.12 -8.27 19.87
N ALA B 232 1.02 -8.59 20.46
CA ALA B 232 1.27 -8.27 21.86
C ALA B 232 1.08 -6.78 22.14
N TYR B 233 0.53 -6.46 23.30
CA TYR B 233 0.32 -5.05 23.69
C TYR B 233 0.54 -4.71 25.16
N PHE B 234 0.45 -5.70 26.06
CA PHE B 234 0.74 -5.47 27.49
C PHE B 234 2.21 -5.20 27.74
N ALA B 235 3.07 -6.05 27.19
CA ALA B 235 4.51 -5.89 27.38
C ALA B 235 5.10 -4.73 26.59
N PRO B 236 4.67 -4.54 25.32
CA PRO B 236 5.17 -3.37 24.59
C PRO B 236 4.81 -2.03 25.24
N ALA B 237 3.63 -1.97 25.86
CA ALA B 237 3.20 -0.78 26.60
C ALA B 237 4.05 -0.54 27.85
N ALA B 238 4.31 -1.60 28.60
CA ALA B 238 5.15 -1.51 29.80
C ALA B 238 6.55 -1.04 29.45
N ALA B 239 7.09 -1.59 28.36
CA ALA B 239 8.42 -1.22 27.88
C ALA B 239 8.54 0.26 27.57
N ALA B 240 7.55 0.81 26.89
CA ALA B 240 7.55 2.23 26.55
C ALA B 240 7.49 3.10 27.79
N VAL B 241 6.73 2.66 28.80
CA VAL B 241 6.62 3.41 30.04
C VAL B 241 7.95 3.42 30.78
N LYS B 242 8.64 2.27 30.79
CA LYS B 242 9.96 2.18 31.41
C LYS B 242 10.97 3.12 30.76
N MET B 243 10.93 3.23 29.43
CA MET B 243 11.78 4.17 28.71
C MET B 243 11.44 5.61 29.10
N ALA B 244 10.15 5.91 29.22
CA ALA B 244 9.70 7.25 29.61
C ALA B 244 10.09 7.62 31.05
N GLU B 245 10.04 6.65 31.96
CA GLU B 245 10.50 6.87 33.35
C GLU B 245 11.98 7.21 33.40
N ALA B 246 12.76 6.48 32.61
CA ALA B 246 14.21 6.67 32.57
C ALA B 246 14.54 8.12 32.24
N TYR B 247 13.83 8.65 31.25
CA TYR B 247 13.97 10.04 30.84
C TYR B 247 13.46 11.01 31.93
N LEU B 248 12.22 10.81 32.37
CA LEU B 248 11.57 11.75 33.30
C LEU B 248 12.22 11.79 34.67
N LYS B 249 12.72 10.64 35.12
CA LYS B 249 13.44 10.61 36.40
C LYS B 249 14.95 10.71 36.23
N ASP B 250 15.43 10.92 35.00
CA ASP B 250 16.87 11.13 34.76
C ASP B 250 17.69 9.98 35.38
N LYS B 251 17.28 8.75 35.10
CA LYS B 251 17.80 7.58 35.79
C LYS B 251 19.24 7.21 35.40
N LYS B 252 19.68 7.60 34.22
CA LYS B 252 20.94 7.09 33.68
C LYS B 252 20.83 5.55 33.62
N ALA B 253 19.66 5.08 33.18
CA ALA B 253 19.34 3.66 33.16
C ALA B 253 19.75 3.03 31.82
N VAL B 254 20.11 1.75 31.87
CA VAL B 254 20.49 0.99 30.68
C VAL B 254 19.21 0.61 29.94
N VAL B 255 19.04 1.14 28.73
CA VAL B 255 17.83 0.90 27.96
C VAL B 255 18.23 0.46 26.56
N PRO B 256 18.08 -0.84 26.27
CA PRO B 256 18.25 -1.29 24.89
C PRO B 256 17.15 -0.70 24.01
N CYS B 257 17.51 0.05 22.99
CA CYS B 257 16.51 0.70 22.13
C CYS B 257 17.11 1.14 20.80
N SER B 258 16.24 1.46 19.85
CA SER B 258 16.67 2.01 18.56
C SER B 258 17.15 3.45 18.77
N ALA B 259 18.47 3.65 18.72
CA ALA B 259 19.07 4.96 19.00
C ALA B 259 20.13 5.32 17.97
N PHE B 260 20.46 6.61 17.91
CA PHE B 260 21.49 7.09 16.99
C PHE B 260 22.87 6.73 17.52
N CYS B 261 23.52 5.81 16.82
CA CYS B 261 24.81 5.26 17.23
C CYS B 261 25.92 5.73 16.30
N SER B 262 26.94 6.36 16.87
CA SER B 262 28.16 6.73 16.16
C SER B 262 29.36 6.32 16.98
N ASN B 263 30.37 5.78 16.33
CA ASN B 263 31.60 5.30 16.99
C ASN B 263 31.38 4.20 18.03
N HIS B 264 30.35 3.40 17.81
CA HIS B 264 30.17 2.14 18.54
C HIS B 264 29.72 1.10 17.54
N TYR B 265 30.07 -0.15 17.80
CA TYR B 265 29.66 -1.26 16.95
C TYR B 265 30.04 -1.06 15.47
N GLY B 266 31.16 -0.37 15.25
CA GLY B 266 31.68 -0.13 13.90
C GLY B 266 30.85 0.74 12.97
N VAL B 267 29.82 1.41 13.49
CA VAL B 267 29.01 2.33 12.67
C VAL B 267 29.46 3.76 12.92
N LYS B 268 29.13 4.65 11.99
CA LYS B 268 29.58 6.04 12.06
C LYS B 268 28.49 7.05 12.39
N GLY B 269 27.22 6.64 12.28
CA GLY B 269 26.09 7.51 12.61
C GLY B 269 24.81 6.98 12.01
N ILE B 270 24.16 6.05 12.71
CA ILE B 270 22.94 5.41 12.21
C ILE B 270 22.05 4.96 13.35
N TYR B 271 20.74 4.93 13.10
CA TYR B 271 19.80 4.38 14.07
C TYR B 271 19.80 2.85 14.03
N MET B 272 20.04 2.25 15.19
CA MET B 272 20.07 0.80 15.36
C MET B 272 19.80 0.46 16.83
N GLY B 273 19.49 -0.82 17.08
CA GLY B 273 19.27 -1.31 18.44
C GLY B 273 20.57 -1.44 19.20
N VAL B 274 20.69 -0.71 20.30
CA VAL B 274 21.89 -0.72 21.11
C VAL B 274 21.54 -0.54 22.59
N PRO B 275 22.46 -0.90 23.49
CA PRO B 275 22.22 -0.62 24.90
C PRO B 275 22.61 0.82 25.21
N THR B 276 21.61 1.68 25.39
CA THR B 276 21.86 3.09 25.69
C THR B 276 21.84 3.38 27.18
N ILE B 277 22.38 4.54 27.53
CA ILE B 277 22.14 5.14 28.83
C ILE B 277 21.17 6.29 28.60
N ILE B 278 19.98 6.22 29.22
CA ILE B 278 18.98 7.28 29.11
C ILE B 278 18.85 8.09 30.40
N GLY B 279 18.83 9.42 30.23
CA GLY B 279 18.58 10.36 31.33
C GLY B 279 17.81 11.57 30.85
N LYS B 280 17.95 12.69 31.55
CA LYS B 280 17.19 13.91 31.23
C LYS B 280 17.51 14.54 29.86
N ASN B 281 18.63 14.13 29.25
CA ASN B 281 19.02 14.57 27.92
C ASN B 281 18.77 13.50 26.83
N GLY B 282 17.90 12.55 27.13
CA GLY B 282 17.57 11.48 26.21
C GLY B 282 18.64 10.40 26.23
N VAL B 283 19.09 9.99 25.05
CA VAL B 283 20.19 9.03 24.94
C VAL B 283 21.48 9.79 25.24
N GLU B 284 22.14 9.44 26.33
CA GLU B 284 23.33 10.16 26.78
C GLU B 284 24.62 9.37 26.53
N ASP B 285 24.50 8.07 26.26
CA ASP B 285 25.67 7.22 26.01
C ASP B 285 25.20 5.86 25.49
N ILE B 286 26.14 5.09 24.94
CA ILE B 286 25.87 3.77 24.40
C ILE B 286 26.93 2.82 24.91
N LEU B 287 26.50 1.65 25.38
CA LEU B 287 27.44 0.63 25.89
C LEU B 287 27.86 -0.34 24.79
N GLU B 288 29.13 -0.74 24.81
CA GLU B 288 29.67 -1.69 23.83
C GLU B 288 29.78 -3.10 24.43
N LEU B 289 28.92 -4.00 23.96
CA LEU B 289 28.94 -5.39 24.41
C LEU B 289 29.98 -6.19 23.63
N ASP B 290 30.55 -7.21 24.28
CA ASP B 290 31.35 -8.20 23.58
C ASP B 290 30.41 -9.02 22.71
N LEU B 291 30.75 -9.17 21.43
CA LEU B 291 29.95 -9.97 20.51
C LEU B 291 30.79 -11.09 19.92
N THR B 292 30.20 -12.27 19.78
CA THR B 292 30.86 -13.39 19.12
C THR B 292 30.85 -13.11 17.62
N PRO B 293 31.80 -13.70 16.87
CA PRO B 293 31.89 -13.48 15.42
C PRO B 293 30.58 -13.65 14.67
N LEU B 294 29.75 -14.61 15.07
CA LEU B 294 28.45 -14.81 14.43
C LEU B 294 27.46 -13.69 14.79
N GLU B 295 27.56 -13.19 16.02
CA GLU B 295 26.73 -12.06 16.45
C GLU B 295 27.16 -10.77 15.73
N GLN B 296 28.46 -10.62 15.46
CA GLN B 296 28.98 -9.51 14.66
C GLN B 296 28.32 -9.47 13.28
N LYS B 297 28.33 -10.62 12.60
CA LYS B 297 27.78 -10.73 11.23
C LYS B 297 26.28 -10.45 11.18
N LEU B 298 25.54 -11.02 12.14
CA LEU B 298 24.10 -10.78 12.21
C LEU B 298 23.81 -9.31 12.47
N LEU B 299 24.61 -8.70 13.36
CA LEU B 299 24.50 -7.26 13.63
C LEU B 299 24.83 -6.45 12.37
N GLY B 300 25.90 -6.84 11.68
CA GLY B 300 26.25 -6.22 10.40
C GLY B 300 25.14 -6.32 9.37
N GLU B 301 24.49 -7.48 9.32
CA GLU B 301 23.38 -7.68 8.39
C GLU B 301 22.17 -6.80 8.74
N SER B 302 21.94 -6.62 10.04
CA SER B 302 20.86 -5.72 10.50
C SER B 302 21.16 -4.26 10.13
N ILE B 303 22.39 -3.82 10.38
CA ILE B 303 22.82 -2.46 10.02
C ILE B 303 22.64 -2.21 8.52
N ASN B 304 23.10 -3.15 7.69
CA ASN B 304 22.98 -3.05 6.24
C ASN B 304 21.52 -2.92 5.80
N GLU B 305 20.66 -3.74 6.40
CA GLU B 305 19.24 -3.76 6.09
C GLU B 305 18.56 -2.42 6.36
N VAL B 306 18.90 -1.82 7.50
CA VAL B 306 18.37 -0.50 7.87
C VAL B 306 18.91 0.57 6.92
N ASN B 307 20.22 0.56 6.72
CA ASN B 307 20.88 1.50 5.84
C ASN B 307 20.34 1.44 4.41
N THR B 308 20.05 0.23 3.93
CA THR B 308 19.54 0.02 2.58
C THR B 308 18.08 0.49 2.44
N ILE B 309 17.24 0.13 3.40
CA ILE B 309 15.83 0.53 3.37
C ILE B 309 15.67 2.05 3.55
N SER B 310 16.64 2.67 4.21
CA SER B 310 16.68 4.13 4.33
C SER B 310 16.98 4.83 2.99
N LYS B 311 17.61 4.11 2.06
CA LYS B 311 17.83 4.63 0.70
C LYS B 311 16.52 4.73 -0.07
N VAL B 312 15.59 3.80 0.19
CA VAL B 312 14.29 3.77 -0.49
C VAL B 312 13.49 5.02 -0.15
N LEU B 313 13.16 5.19 1.14
CA LEU B 313 12.46 6.38 1.60
C LEU B 313 13.36 7.61 1.46
N ILE C 2 -2.51 -26.74 -35.05
CA ILE C 2 -2.00 -25.34 -35.06
C ILE C 2 -3.04 -24.36 -34.54
N GLU C 3 -2.59 -23.47 -33.65
CA GLU C 3 -3.42 -22.39 -33.15
C GLU C 3 -2.62 -21.09 -33.26
N ARG C 4 -3.35 -19.98 -33.34
CA ARG C 4 -2.72 -18.67 -33.42
C ARG C 4 -1.99 -18.34 -32.13
N ARG C 5 -0.84 -17.68 -32.24
CA ARG C 5 -0.12 -17.25 -31.05
C ARG C 5 -0.98 -16.22 -30.34
N LYS C 6 -0.91 -16.19 -29.01
CA LYS C 6 -1.78 -15.34 -28.22
C LYS C 6 -1.00 -14.58 -27.16
N ILE C 7 -1.15 -13.26 -27.14
CA ILE C 7 -0.46 -12.41 -26.18
C ILE C 7 -1.47 -11.59 -25.39
N ALA C 8 -1.46 -11.76 -24.08
CA ALA C 8 -2.24 -10.92 -23.19
C ALA C 8 -1.41 -9.73 -22.76
N VAL C 9 -1.93 -8.53 -22.98
CA VAL C 9 -1.32 -7.29 -22.50
C VAL C 9 -2.14 -6.76 -21.32
N ILE C 10 -1.57 -6.83 -20.12
CA ILE C 10 -2.27 -6.42 -18.91
C ILE C 10 -1.95 -4.96 -18.59
N GLY C 11 -2.86 -4.07 -18.95
CA GLY C 11 -2.69 -2.63 -18.76
C GLY C 11 -2.87 -1.91 -20.08
N SER C 12 -3.91 -1.08 -20.17
CA SER C 12 -4.26 -0.39 -21.41
C SER C 12 -3.72 1.04 -21.44
N GLY C 13 -2.65 1.29 -20.68
CA GLY C 13 -1.96 2.57 -20.73
C GLY C 13 -1.20 2.75 -22.04
N GLN C 14 -0.33 3.75 -22.08
CA GLN C 14 0.38 4.10 -23.30
C GLN C 14 1.32 2.98 -23.77
N ILE C 15 1.98 2.33 -22.83
CA ILE C 15 2.88 1.22 -23.16
C ILE C 15 2.07 0.06 -23.76
N GLY C 16 1.09 -0.44 -23.01
CA GLY C 16 0.29 -1.60 -23.42
C GLY C 16 -0.42 -1.42 -24.75
N GLY C 17 -0.90 -0.20 -25.00
CA GLY C 17 -1.57 0.12 -26.25
C GLY C 17 -0.65 -0.02 -27.45
N ASN C 18 0.55 0.52 -27.33
CA ASN C 18 1.54 0.45 -28.41
C ASN C 18 2.10 -0.97 -28.59
N ILE C 19 2.19 -1.75 -27.52
CA ILE C 19 2.55 -3.16 -27.63
C ILE C 19 1.52 -3.88 -28.50
N ALA C 20 0.24 -3.70 -28.18
CA ALA C 20 -0.86 -4.28 -28.95
C ALA C 20 -0.81 -3.85 -30.42
N TYR C 21 -0.55 -2.56 -30.63
CA TYR C 21 -0.40 -1.97 -31.96
C TYR C 21 0.68 -2.68 -32.78
N ILE C 22 1.86 -2.84 -32.18
CA ILE C 22 3.02 -3.38 -32.90
C ILE C 22 2.92 -4.90 -33.10
N VAL C 23 2.48 -5.61 -32.06
CA VAL C 23 2.25 -7.05 -32.16
C VAL C 23 1.29 -7.34 -33.31
N GLY C 24 0.20 -6.59 -33.36
CA GLY C 24 -0.79 -6.74 -34.41
C GLY C 24 -0.24 -6.34 -35.78
N LYS C 25 0.49 -5.24 -35.82
CA LYS C 25 1.12 -4.77 -37.06
C LYS C 25 2.05 -5.80 -37.70
N ASP C 26 2.85 -6.47 -36.87
CA ASP C 26 3.78 -7.49 -37.36
C ASP C 26 3.13 -8.85 -37.59
N ASN C 27 1.86 -8.99 -37.17
CA ASN C 27 1.18 -10.28 -37.22
C ASN C 27 1.92 -11.33 -36.39
N LEU C 28 2.41 -10.93 -35.21
CA LEU C 28 3.16 -11.81 -34.34
C LEU C 28 2.24 -12.74 -33.56
N ALA C 29 1.04 -12.24 -33.24
CA ALA C 29 0.07 -12.99 -32.46
C ALA C 29 -1.27 -12.27 -32.44
N ASP C 30 -2.29 -12.96 -31.92
CA ASP C 30 -3.53 -12.32 -31.49
C ASP C 30 -3.23 -11.59 -30.18
N VAL C 31 -3.95 -10.51 -29.93
CA VAL C 31 -3.75 -9.71 -28.73
C VAL C 31 -5.03 -9.60 -27.92
N VAL C 32 -4.91 -9.84 -26.62
CA VAL C 32 -5.96 -9.56 -25.66
C VAL C 32 -5.50 -8.43 -24.75
N LEU C 33 -6.07 -7.25 -24.96
CA LEU C 33 -5.73 -6.07 -24.18
C LEU C 33 -6.64 -5.96 -22.96
N PHE C 34 -6.08 -6.23 -21.78
CA PHE C 34 -6.85 -6.25 -20.53
C PHE C 34 -6.69 -4.97 -19.72
N ASP C 35 -7.79 -4.50 -19.14
CA ASP C 35 -7.76 -3.46 -18.11
C ASP C 35 -9.11 -3.36 -17.40
N ILE C 36 -9.08 -2.85 -16.18
CA ILE C 36 -10.30 -2.56 -15.42
C ILE C 36 -11.08 -1.41 -16.05
N ALA C 37 -10.35 -0.36 -16.47
CA ALA C 37 -10.96 0.89 -16.95
C ALA C 37 -12.04 0.66 -18.01
N GLU C 38 -13.14 1.40 -17.87
CA GLU C 38 -14.30 1.26 -18.75
C GLU C 38 -14.02 1.84 -20.13
N GLY C 39 -14.18 1.02 -21.16
CA GLY C 39 -14.07 1.48 -22.55
C GLY C 39 -12.66 1.58 -23.10
N ILE C 40 -11.71 2.02 -22.27
CA ILE C 40 -10.34 2.30 -22.72
C ILE C 40 -9.69 1.13 -23.49
N PRO C 41 -9.68 -0.09 -22.91
CA PRO C 41 -9.07 -1.19 -23.64
C PRO C 41 -9.86 -1.61 -24.88
N GLN C 42 -11.19 -1.49 -24.82
CA GLN C 42 -12.04 -1.82 -25.96
C GLN C 42 -11.82 -0.83 -27.10
N GLY C 43 -11.75 0.46 -26.76
CA GLY C 43 -11.54 1.52 -27.74
C GLY C 43 -10.20 1.41 -28.46
N LYS C 44 -9.13 1.17 -27.71
CA LYS C 44 -7.81 0.98 -28.31
C LYS C 44 -7.78 -0.24 -29.21
N ALA C 45 -8.38 -1.34 -28.74
CA ALA C 45 -8.44 -2.59 -29.50
C ALA C 45 -9.21 -2.42 -30.81
N LEU C 46 -10.32 -1.69 -30.75
CA LEU C 46 -11.11 -1.36 -31.95
C LEU C 46 -10.31 -0.48 -32.91
N ASP C 47 -9.63 0.53 -32.37
CA ASP C 47 -8.80 1.42 -33.16
C ASP C 47 -7.70 0.64 -33.87
N ILE C 48 -7.00 -0.20 -33.10
CA ILE C 48 -5.92 -1.03 -33.63
C ILE C 48 -6.46 -2.06 -34.63
N THR C 49 -7.66 -2.58 -34.38
CA THR C 49 -8.31 -3.53 -35.28
C THR C 49 -8.49 -2.94 -36.68
N HIS C 50 -8.79 -1.64 -36.74
CA HIS C 50 -9.03 -0.97 -38.02
C HIS C 50 -7.76 -0.80 -38.87
N SER C 51 -6.59 -0.80 -38.22
CA SER C 51 -5.31 -0.66 -38.92
C SER C 51 -4.76 -1.98 -39.46
N MET C 52 -5.30 -3.11 -39.00
CA MET C 52 -4.77 -4.42 -39.37
C MET C 52 -4.79 -4.67 -40.88
N VAL C 53 -5.88 -4.29 -41.54
CA VAL C 53 -5.95 -4.42 -43.00
C VAL C 53 -4.97 -3.48 -43.71
N MET C 54 -4.69 -2.32 -43.11
CA MET C 54 -3.73 -1.38 -43.68
C MET C 54 -2.33 -2.01 -43.69
N PHE C 55 -1.97 -2.68 -42.59
CA PHE C 55 -0.68 -3.36 -42.48
C PHE C 55 -0.65 -4.73 -43.17
N GLY C 56 -1.81 -5.19 -43.67
CA GLY C 56 -1.92 -6.50 -44.31
C GLY C 56 -1.87 -7.64 -43.30
N SER C 57 -2.36 -7.37 -42.09
CA SER C 57 -2.28 -8.31 -40.98
C SER C 57 -3.66 -8.88 -40.64
N THR C 58 -3.69 -10.16 -40.24
CA THR C 58 -4.94 -10.83 -39.86
C THR C 58 -5.10 -10.96 -38.35
N SER C 59 -4.14 -10.44 -37.58
CA SER C 59 -4.20 -10.52 -36.12
C SER C 59 -5.49 -9.91 -35.59
N LYS C 60 -6.08 -10.55 -34.59
CA LYS C 60 -7.25 -10.01 -33.92
C LYS C 60 -6.80 -9.33 -32.64
N VAL C 61 -7.35 -8.16 -32.38
CA VAL C 61 -7.04 -7.38 -31.20
C VAL C 61 -8.36 -7.03 -30.51
N ILE C 62 -8.49 -7.44 -29.26
CA ILE C 62 -9.74 -7.28 -28.50
C ILE C 62 -9.47 -6.72 -27.12
N GLY C 63 -10.37 -5.86 -26.65
CA GLY C 63 -10.30 -5.28 -25.31
C GLY C 63 -11.23 -5.99 -24.34
N THR C 64 -10.86 -6.00 -23.06
CA THR C 64 -11.64 -6.71 -22.04
C THR C 64 -11.30 -6.29 -20.61
N ASN C 65 -12.21 -6.62 -19.70
CA ASN C 65 -11.96 -6.51 -18.26
C ASN C 65 -12.12 -7.87 -17.57
N ASP C 66 -12.18 -8.93 -18.38
CA ASP C 66 -12.42 -10.28 -17.90
C ASP C 66 -11.17 -11.13 -18.11
N TYR C 67 -10.62 -11.63 -17.00
CA TYR C 67 -9.43 -12.50 -17.05
C TYR C 67 -9.66 -13.81 -17.80
N ALA C 68 -10.91 -14.23 -17.94
CA ALA C 68 -11.24 -15.42 -18.73
C ALA C 68 -10.71 -15.34 -20.15
N ASP C 69 -10.66 -14.13 -20.69
CA ASP C 69 -10.23 -13.89 -22.07
C ASP C 69 -8.73 -14.04 -22.32
N ILE C 70 -7.93 -14.12 -21.26
CA ILE C 70 -6.49 -14.35 -21.42
C ILE C 70 -6.13 -15.84 -21.35
N SER C 71 -7.14 -16.71 -21.30
CA SER C 71 -6.89 -18.15 -21.16
C SER C 71 -6.11 -18.68 -22.35
N GLY C 72 -5.14 -19.54 -22.08
CA GLY C 72 -4.27 -20.08 -23.12
C GLY C 72 -3.36 -19.04 -23.78
N SER C 73 -3.07 -17.97 -23.05
CA SER C 73 -2.12 -16.96 -23.55
C SER C 73 -0.71 -17.53 -23.55
N ASP C 74 0.00 -17.35 -24.66
CA ASP C 74 1.38 -17.84 -24.77
C ASP C 74 2.33 -16.93 -24.02
N VAL C 75 2.06 -15.63 -24.09
CA VAL C 75 2.84 -14.62 -23.39
C VAL C 75 1.90 -13.66 -22.68
N VAL C 76 2.26 -13.28 -21.46
CA VAL C 76 1.56 -12.24 -20.73
C VAL C 76 2.52 -11.10 -20.41
N ILE C 77 2.26 -9.92 -20.96
CA ILE C 77 3.05 -8.73 -20.67
C ILE C 77 2.29 -7.84 -19.69
N ILE C 78 2.85 -7.63 -18.50
CA ILE C 78 2.21 -6.82 -17.45
C ILE C 78 2.80 -5.42 -17.40
N THR C 79 1.95 -4.41 -17.60
CA THR C 79 2.35 -3.01 -17.57
C THR C 79 1.59 -2.20 -16.51
N ALA C 80 0.99 -2.88 -15.54
CA ALA C 80 0.13 -2.23 -14.55
C ALA C 80 0.91 -1.87 -13.29
N LEU C 93 4.19 3.43 -5.06
CA LEU C 93 4.24 2.65 -3.83
C LEU C 93 4.69 1.20 -4.09
N LEU C 94 5.38 0.63 -3.10
CA LEU C 94 5.90 -0.73 -3.19
C LEU C 94 4.76 -1.74 -3.04
N PHE C 95 3.93 -1.54 -2.02
CA PHE C 95 2.77 -2.39 -1.76
C PHE C 95 1.66 -2.17 -2.80
N GLY C 96 1.61 -0.98 -3.37
CA GLY C 96 0.65 -0.66 -4.42
C GLY C 96 0.86 -1.51 -5.65
N ASN C 97 2.09 -1.55 -6.14
CA ASN C 97 2.44 -2.39 -7.30
C ASN C 97 2.29 -3.88 -7.00
N ALA C 98 2.62 -4.28 -5.77
CA ALA C 98 2.51 -5.67 -5.34
C ALA C 98 1.08 -6.18 -5.38
N ARG C 99 0.14 -5.35 -4.93
CA ARG C 99 -1.29 -5.72 -4.93
C ARG C 99 -1.83 -5.89 -6.35
N ILE C 100 -1.33 -5.08 -7.27
CA ILE C 100 -1.73 -5.18 -8.67
C ILE C 100 -1.27 -6.52 -9.24
N LEU C 101 -0.02 -6.88 -8.95
CA LEU C 101 0.55 -8.13 -9.43
C LEU C 101 -0.10 -9.36 -8.80
N ASP C 102 -0.63 -9.23 -7.59
CA ASP C 102 -1.38 -10.32 -6.95
C ASP C 102 -2.64 -10.62 -7.76
N SER C 103 -3.35 -9.56 -8.14
CA SER C 103 -4.57 -9.69 -8.96
C SER C 103 -4.27 -10.29 -10.32
N VAL C 104 -3.14 -9.90 -10.92
CA VAL C 104 -2.73 -10.47 -12.20
C VAL C 104 -2.24 -11.92 -12.02
N ALA C 105 -1.45 -12.15 -10.98
CA ALA C 105 -0.95 -13.49 -10.65
C ALA C 105 -2.09 -14.49 -10.48
N GLU C 106 -3.13 -14.07 -9.79
CA GLU C 106 -4.33 -14.90 -9.58
C GLU C 106 -4.98 -15.25 -10.91
N GLY C 107 -5.07 -14.26 -11.81
CA GLY C 107 -5.64 -14.48 -13.14
C GLY C 107 -4.79 -15.39 -13.99
N VAL C 108 -3.48 -15.19 -13.98
CA VAL C 108 -2.56 -15.97 -14.81
C VAL C 108 -2.56 -17.44 -14.39
N LYS C 109 -2.33 -17.72 -13.12
CA LYS C 109 -2.20 -19.12 -12.67
C LYS C 109 -3.49 -19.93 -12.85
N LYS C 110 -4.63 -19.26 -12.85
CA LYS C 110 -5.91 -19.93 -13.12
C LYS C 110 -6.11 -20.17 -14.61
N TYR C 111 -5.98 -19.12 -15.42
CA TYR C 111 -6.39 -19.16 -16.84
C TYR C 111 -5.26 -19.48 -17.83
N CYS C 112 -4.03 -19.08 -17.54
CA CYS C 112 -2.91 -19.34 -18.44
C CYS C 112 -1.59 -19.57 -17.70
N PRO C 113 -1.53 -20.63 -16.87
CA PRO C 113 -0.35 -20.90 -16.05
C PRO C 113 0.90 -21.33 -16.83
N ASN C 114 0.76 -21.64 -18.12
CA ASN C 114 1.89 -22.03 -18.96
C ASN C 114 2.46 -20.85 -19.78
N ALA C 115 2.03 -19.64 -19.45
CA ALA C 115 2.47 -18.44 -20.17
C ALA C 115 3.87 -18.03 -19.76
N PHE C 116 4.56 -17.36 -20.69
CA PHE C 116 5.79 -16.64 -20.42
C PHE C 116 5.38 -15.26 -19.95
N VAL C 117 5.80 -14.86 -18.76
CA VAL C 117 5.37 -13.58 -18.19
C VAL C 117 6.48 -12.53 -18.20
N ILE C 118 6.19 -11.39 -18.83
CA ILE C 118 7.11 -10.26 -18.91
C ILE C 118 6.53 -9.09 -18.11
N CYS C 119 7.13 -8.78 -16.96
CA CYS C 119 6.66 -7.70 -16.11
C CYS C 119 7.31 -6.36 -16.48
N ILE C 120 6.51 -5.30 -16.50
CA ILE C 120 7.00 -3.94 -16.68
C ILE C 120 6.49 -3.10 -15.51
N THR C 121 7.09 -3.32 -14.34
CA THR C 121 6.73 -2.59 -13.12
C THR C 121 7.99 -2.20 -12.35
N ASN C 122 7.83 -1.39 -11.30
CA ASN C 122 8.96 -0.88 -10.51
C ASN C 122 8.71 -0.95 -9.01
N PRO C 123 9.75 -1.31 -8.22
CA PRO C 123 11.10 -1.71 -8.62
C PRO C 123 11.09 -3.12 -9.23
N LEU C 124 11.63 -3.23 -10.45
CA LEU C 124 11.40 -4.39 -11.30
C LEU C 124 11.86 -5.73 -10.71
N ASP C 125 13.12 -5.80 -10.31
CA ASP C 125 13.70 -7.04 -9.77
C ASP C 125 12.92 -7.55 -8.56
N VAL C 126 12.43 -6.64 -7.73
CA VAL C 126 11.62 -7.01 -6.58
C VAL C 126 10.24 -7.48 -7.02
N MET C 127 9.63 -6.74 -7.93
CA MET C 127 8.27 -7.02 -8.38
C MET C 127 8.18 -8.29 -9.22
N VAL C 128 9.19 -8.56 -10.03
CA VAL C 128 9.26 -9.79 -10.81
C VAL C 128 9.32 -10.99 -9.87
N SER C 129 10.23 -10.93 -8.90
CA SER C 129 10.40 -12.00 -7.92
C SER C 129 9.10 -12.27 -7.16
N HIS C 130 8.39 -11.19 -6.83
CA HIS C 130 7.09 -11.29 -6.15
C HIS C 130 6.05 -11.98 -7.05
N PHE C 131 6.00 -11.60 -8.32
CA PHE C 131 5.05 -12.23 -9.23
C PHE C 131 5.26 -13.73 -9.30
N GLN C 132 6.52 -14.14 -9.41
CA GLN C 132 6.89 -15.55 -9.45
C GLN C 132 6.35 -16.30 -8.22
N LYS C 133 6.56 -15.73 -7.04
CA LYS C 133 6.09 -16.32 -5.78
C LYS C 133 4.58 -16.53 -5.77
N VAL C 134 3.85 -15.44 -5.99
CA VAL C 134 2.38 -15.44 -5.88
C VAL C 134 1.72 -16.24 -7.00
N SER C 135 2.26 -16.15 -8.22
CA SER C 135 1.75 -16.91 -9.36
C SER C 135 2.11 -18.39 -9.24
N GLY C 136 3.29 -18.66 -8.70
CA GLY C 136 3.81 -20.03 -8.62
C GLY C 136 4.35 -20.55 -9.94
N LEU C 137 4.55 -19.67 -10.93
CA LEU C 137 5.11 -20.08 -12.21
C LEU C 137 6.59 -20.41 -12.06
N PRO C 138 7.12 -21.29 -12.94
CA PRO C 138 8.55 -21.60 -12.89
C PRO C 138 9.40 -20.34 -13.09
N HIS C 139 10.52 -20.26 -12.38
CA HIS C 139 11.40 -19.08 -12.44
C HIS C 139 11.71 -18.67 -13.89
N ASN C 140 12.07 -19.67 -14.69
CA ASN C 140 12.45 -19.43 -16.10
C ASN C 140 11.33 -18.88 -16.99
N LYS C 141 10.08 -18.94 -16.52
CA LYS C 141 8.93 -18.44 -17.27
C LYS C 141 8.47 -17.03 -16.85
N VAL C 142 9.14 -16.44 -15.87
CA VAL C 142 8.78 -15.11 -15.36
C VAL C 142 9.98 -14.17 -15.37
N CYS C 143 9.86 -13.05 -16.08
CA CYS C 143 10.95 -12.10 -16.23
C CYS C 143 10.43 -10.66 -16.26
N GLY C 144 11.36 -9.71 -16.26
CA GLY C 144 11.01 -8.29 -16.30
C GLY C 144 11.76 -7.54 -17.38
N MET C 145 11.08 -6.58 -18.01
CA MET C 145 11.70 -5.75 -19.03
C MET C 145 12.37 -4.52 -18.41
N ALA C 146 13.69 -4.42 -18.59
CA ALA C 146 14.42 -3.18 -18.35
C ALA C 146 15.70 -3.15 -19.19
N GLY C 147 16.52 -4.19 -19.05
CA GLY C 147 17.80 -4.28 -19.78
C GLY C 147 17.73 -3.99 -21.26
N VAL C 148 16.69 -4.44 -21.95
CA VAL C 148 16.58 -4.19 -23.40
C VAL C 148 16.40 -2.70 -23.65
N LEU C 149 15.53 -2.04 -22.89
CA LEU C 149 15.37 -0.60 -23.00
C LEU C 149 16.69 0.10 -22.68
N ASP C 150 17.30 -0.25 -21.56
CA ASP C 150 18.56 0.37 -21.13
C ASP C 150 19.70 0.09 -22.11
N SER C 151 19.87 -1.17 -22.50
CA SER C 151 20.91 -1.54 -23.45
C SER C 151 20.70 -0.85 -24.81
N SER C 152 19.45 -0.75 -25.26
CA SER C 152 19.14 -0.07 -26.53
C SER C 152 19.53 1.42 -26.50
N ARG C 153 19.40 2.06 -25.34
CA ARG C 153 19.77 3.47 -25.17
C ARG C 153 21.29 3.59 -25.17
N PHE C 154 21.93 2.76 -24.36
CA PHE C 154 23.37 2.65 -24.28
C PHE C 154 23.98 2.45 -25.69
N ARG C 155 23.45 1.50 -26.44
CA ARG C 155 23.92 1.23 -27.81
C ARG C 155 23.74 2.43 -28.72
N THR C 156 22.59 3.09 -28.58
CA THR C 156 22.26 4.25 -29.39
C THR C 156 23.24 5.41 -29.15
N PHE C 157 23.56 5.67 -27.89
CA PHE C 157 24.46 6.76 -27.52
C PHE C 157 25.90 6.48 -27.96
N ILE C 158 26.29 5.21 -27.87
CA ILE C 158 27.57 4.77 -28.43
C ILE C 158 27.58 4.97 -29.95
N ALA C 159 26.50 4.55 -30.60
CA ALA C 159 26.37 4.66 -32.06
C ALA C 159 26.42 6.11 -32.54
N GLN C 160 25.71 6.99 -31.84
CA GLN C 160 25.72 8.42 -32.16
C GLN C 160 27.12 9.03 -32.10
N HIS C 161 27.94 8.57 -31.16
CA HIS C 161 29.31 9.06 -31.02
C HIS C 161 30.18 8.67 -32.21
N PHE C 162 30.19 7.37 -32.54
CA PHE C 162 31.02 6.87 -33.64
C PHE C 162 30.38 7.10 -35.01
N GLY C 163 29.10 7.46 -35.05
CA GLY C 163 28.39 7.72 -36.29
C GLY C 163 28.17 6.45 -37.10
N VAL C 164 27.76 5.39 -36.41
CA VAL C 164 27.57 4.07 -37.02
C VAL C 164 26.16 3.57 -36.74
N ASN C 165 25.73 2.60 -37.55
CA ASN C 165 24.48 1.89 -37.31
C ASN C 165 24.51 1.31 -35.90
N ALA C 166 23.49 1.64 -35.11
CA ALA C 166 23.40 1.17 -33.73
C ALA C 166 23.23 -0.34 -33.63
N SER C 167 22.62 -0.95 -34.65
CA SER C 167 22.52 -2.41 -34.74
C SER C 167 23.89 -3.09 -34.79
N ASP C 168 24.91 -2.37 -35.25
CA ASP C 168 26.28 -2.90 -35.31
C ASP C 168 27.09 -2.57 -34.05
N VAL C 169 26.45 -1.97 -33.06
CA VAL C 169 27.06 -1.79 -31.76
C VAL C 169 26.57 -2.90 -30.84
N SER C 170 27.49 -3.46 -30.06
CA SER C 170 27.15 -4.42 -29.03
C SER C 170 27.44 -3.76 -27.69
N ALA C 171 26.43 -3.68 -26.84
CA ALA C 171 26.55 -3.05 -25.52
C ALA C 171 25.38 -3.48 -24.65
N ASN C 172 25.68 -3.99 -23.45
CA ASN C 172 24.66 -4.49 -22.54
C ASN C 172 24.63 -3.73 -21.22
N VAL C 173 23.41 -3.57 -20.68
CA VAL C 173 23.19 -2.98 -19.37
C VAL C 173 22.63 -4.04 -18.44
N ILE C 174 23.34 -4.32 -17.35
CA ILE C 174 22.89 -5.29 -16.35
C ILE C 174 22.50 -4.56 -15.05
N GLY C 175 22.17 -5.32 -14.00
CA GLY C 175 21.78 -4.73 -12.71
C GLY C 175 20.34 -4.25 -12.70
N GLY C 176 20.07 -3.24 -11.86
CA GLY C 176 18.72 -2.71 -11.68
C GLY C 176 18.51 -1.41 -12.41
N HIS C 177 17.89 -0.43 -11.74
CA HIS C 177 17.69 0.90 -12.32
C HIS C 177 18.34 1.96 -11.43
N GLY C 178 18.29 3.22 -11.88
CA GLY C 178 18.93 4.31 -11.16
C GLY C 178 20.45 4.15 -11.16
N ASP C 179 21.05 4.18 -9.97
CA ASP C 179 22.48 3.93 -9.83
C ASP C 179 22.77 2.43 -9.83
N GLY C 180 21.73 1.62 -9.59
CA GLY C 180 21.83 0.17 -9.70
C GLY C 180 21.93 -0.33 -11.14
N MET C 181 21.59 0.53 -12.09
CA MET C 181 21.83 0.25 -13.51
C MET C 181 23.34 0.19 -13.76
N VAL C 182 23.79 -0.87 -14.43
CA VAL C 182 25.22 -1.04 -14.73
C VAL C 182 25.46 -1.21 -16.23
N PRO C 183 25.65 -0.10 -16.96
CA PRO C 183 26.14 -0.17 -18.34
C PRO C 183 27.57 -0.70 -18.40
N ALA C 184 27.72 -1.96 -18.80
CA ALA C 184 29.02 -2.62 -18.81
C ALA C 184 29.89 -2.14 -19.98
N THR C 185 30.80 -1.20 -19.68
CA THR C 185 31.71 -0.65 -20.69
C THR C 185 32.59 -1.74 -21.32
N SER C 186 32.89 -2.78 -20.56
CA SER C 186 33.66 -3.92 -21.06
C SER C 186 32.88 -4.80 -22.05
N SER C 187 31.56 -4.67 -22.07
CA SER C 187 30.71 -5.41 -23.02
C SER C 187 30.60 -4.69 -24.37
N VAL C 188 31.22 -3.52 -24.48
CA VAL C 188 31.01 -2.65 -25.63
C VAL C 188 31.97 -3.00 -26.77
N SER C 189 31.42 -3.08 -27.97
CA SER C 189 32.24 -3.16 -29.18
C SER C 189 31.45 -2.63 -30.37
N VAL C 190 32.17 -2.09 -31.35
CA VAL C 190 31.58 -1.53 -32.56
C VAL C 190 32.21 -2.23 -33.75
N GLY C 191 31.44 -3.08 -34.43
CA GLY C 191 31.93 -3.86 -35.55
C GLY C 191 33.15 -4.69 -35.21
N GLY C 192 33.18 -5.22 -33.97
CA GLY C 192 34.30 -6.05 -33.52
C GLY C 192 35.39 -5.33 -32.75
N VAL C 193 35.41 -4.00 -32.81
CA VAL C 193 36.44 -3.21 -32.13
C VAL C 193 35.99 -2.87 -30.71
N PRO C 194 36.74 -3.34 -29.70
CA PRO C 194 36.35 -3.03 -28.32
C PRO C 194 36.66 -1.58 -27.95
N LEU C 195 35.99 -1.10 -26.91
CA LEU C 195 36.08 0.29 -26.50
C LEU C 195 37.51 0.69 -26.11
N SER C 196 38.27 -0.26 -25.55
CA SER C 196 39.66 -0.02 -25.17
C SER C 196 40.51 0.35 -26.39
N SER C 197 40.31 -0.36 -27.50
CA SER C 197 41.04 -0.09 -28.74
C SER C 197 40.72 1.30 -29.32
N PHE C 198 39.46 1.72 -29.19
CA PHE C 198 39.04 3.05 -29.64
C PHE C 198 39.74 4.17 -28.86
N ILE C 199 40.01 3.91 -27.59
CA ILE C 199 40.75 4.86 -26.75
C ILE C 199 42.19 5.02 -27.25
N LYS C 200 42.86 3.89 -27.51
CA LYS C 200 44.23 3.91 -28.03
C LYS C 200 44.32 4.58 -29.39
N GLN C 201 43.34 4.31 -30.25
CA GLN C 201 43.27 4.94 -31.59
C GLN C 201 42.92 6.42 -31.53
N GLY C 202 42.52 6.92 -30.36
CA GLY C 202 42.19 8.33 -30.18
C GLY C 202 40.82 8.71 -30.72
N LEU C 203 39.96 7.72 -30.95
CA LEU C 203 38.63 7.96 -31.50
C LEU C 203 37.55 8.14 -30.42
N ILE C 204 37.93 7.93 -29.15
CA ILE C 204 37.07 8.29 -28.01
C ILE C 204 37.90 8.41 -26.72
N THR C 205 37.46 9.29 -25.82
CA THR C 205 38.11 9.46 -24.51
C THR C 205 37.31 8.78 -23.40
N GLN C 206 37.99 8.50 -22.29
CA GLN C 206 37.35 7.89 -21.12
C GLN C 206 36.28 8.81 -20.54
N GLU C 207 36.49 10.12 -20.67
CA GLU C 207 35.52 11.11 -20.20
C GLU C 207 34.23 11.01 -21.02
N GLN C 208 34.38 10.82 -22.33
CA GLN C 208 33.23 10.68 -23.23
C GLN C 208 32.47 9.38 -22.98
N ILE C 209 33.20 8.33 -22.60
CA ILE C 209 32.59 7.07 -22.20
C ILE C 209 31.72 7.25 -20.95
N ASP C 210 32.25 7.98 -19.96
CA ASP C 210 31.53 8.22 -18.71
C ASP C 210 30.26 9.04 -18.96
N GLU C 211 30.34 10.02 -19.84
CA GLU C 211 29.17 10.80 -20.26
C GLU C 211 28.08 9.89 -20.83
N ILE C 212 28.49 8.92 -21.65
CA ILE C 212 27.56 7.96 -22.25
C ILE C 212 26.95 7.06 -21.18
N VAL C 213 27.80 6.54 -20.29
CA VAL C 213 27.35 5.72 -19.16
C VAL C 213 26.32 6.47 -18.32
N CYS C 214 26.59 7.75 -18.02
CA CYS C 214 25.67 8.58 -17.24
C CYS C 214 24.40 8.92 -18.02
N HIS C 215 24.54 9.18 -19.32
CA HIS C 215 23.40 9.50 -20.18
C HIS C 215 22.42 8.32 -20.21
N THR C 216 22.97 7.11 -20.26
CA THR C 216 22.17 5.88 -20.20
C THR C 216 21.34 5.83 -18.92
N ARG C 217 21.96 6.19 -17.80
CA ARG C 217 21.29 6.17 -16.49
C ARG C 217 20.16 7.20 -16.37
N ILE C 218 20.35 8.40 -16.92
CA ILE C 218 19.37 9.47 -16.77
C ILE C 218 18.47 9.65 -18.00
N ALA C 219 18.61 8.78 -19.00
CA ALA C 219 17.89 8.90 -20.26
C ALA C 219 16.36 8.99 -20.09
N TRP C 220 15.81 8.30 -19.09
CA TRP C 220 14.37 8.33 -18.84
C TRP C 220 13.88 9.74 -18.48
N LYS C 221 14.71 10.46 -17.71
CA LYS C 221 14.35 11.79 -17.22
C LYS C 221 14.37 12.81 -18.36
N GLU C 222 15.35 12.68 -19.26
CA GLU C 222 15.42 13.52 -20.45
C GLU C 222 14.13 13.42 -21.26
N VAL C 223 13.63 12.19 -21.41
CA VAL C 223 12.36 11.94 -22.12
C VAL C 223 11.19 12.47 -21.30
N ALA C 224 11.19 12.18 -20.00
CA ALA C 224 10.09 12.54 -19.10
C ALA C 224 9.86 14.05 -19.02
N ASP C 225 10.93 14.81 -18.82
CA ASP C 225 10.84 16.27 -18.68
C ASP C 225 10.36 16.94 -19.96
N ASN C 226 10.64 16.33 -21.11
CA ASN C 226 10.15 16.83 -22.39
C ASN C 226 8.67 16.53 -22.59
N LEU C 227 8.24 15.30 -22.28
CA LEU C 227 6.82 14.92 -22.38
C LEU C 227 5.93 15.61 -21.34
N LYS C 228 6.56 16.26 -20.36
CA LYS C 228 5.86 17.03 -19.31
C LYS C 228 5.14 16.11 -18.33
N THR C 229 4.09 15.44 -18.80
CA THR C 229 3.36 14.47 -17.99
C THR C 229 3.60 13.06 -18.55
N GLY C 230 3.84 12.11 -17.66
CA GLY C 230 4.09 10.72 -18.04
C GLY C 230 5.54 10.41 -18.39
N THR C 231 5.83 9.13 -18.59
CA THR C 231 7.17 8.64 -18.90
C THR C 231 7.22 8.00 -20.29
N ALA C 232 8.40 7.55 -20.70
CA ALA C 232 8.60 6.93 -22.01
C ALA C 232 7.68 5.72 -22.23
N TYR C 233 7.11 5.61 -23.43
CA TYR C 233 6.26 4.48 -23.77
C TYR C 233 6.54 3.82 -25.13
N PHE C 234 7.09 4.54 -26.10
CA PHE C 234 7.38 3.96 -27.42
C PHE C 234 8.47 2.89 -27.36
N ALA C 235 9.59 3.20 -26.71
CA ALA C 235 10.70 2.25 -26.63
C ALA C 235 10.44 1.11 -25.64
N PRO C 236 9.87 1.43 -24.45
CA PRO C 236 9.49 0.34 -23.56
C PRO C 236 8.57 -0.69 -24.20
N ALA C 237 7.64 -0.22 -25.03
CA ALA C 237 6.72 -1.12 -25.73
C ALA C 237 7.47 -1.99 -26.74
N ALA C 238 8.36 -1.39 -27.52
CA ALA C 238 9.15 -2.12 -28.51
C ALA C 238 10.01 -3.19 -27.86
N ALA C 239 10.58 -2.85 -26.69
CA ALA C 239 11.47 -3.76 -25.97
C ALA C 239 10.75 -5.03 -25.54
N ALA C 240 9.57 -4.86 -24.93
CA ALA C 240 8.79 -6.01 -24.48
C ALA C 240 8.38 -6.89 -25.67
N VAL C 241 8.08 -6.27 -26.80
CA VAL C 241 7.76 -7.01 -28.01
C VAL C 241 8.95 -7.88 -28.46
N LYS C 242 10.16 -7.32 -28.47
CA LYS C 242 11.36 -8.08 -28.85
C LYS C 242 11.58 -9.28 -27.92
N MET C 243 11.34 -9.07 -26.62
CA MET C 243 11.39 -10.17 -25.64
C MET C 243 10.33 -11.24 -25.94
N ALA C 244 9.11 -10.80 -26.26
CA ALA C 244 8.05 -11.71 -26.67
C ALA C 244 8.39 -12.46 -27.96
N GLU C 245 8.99 -11.74 -28.92
CA GLU C 245 9.43 -12.36 -30.17
C GLU C 245 10.43 -13.49 -29.91
N ALA C 246 11.40 -13.22 -29.04
CA ALA C 246 12.44 -14.21 -28.71
C ALA C 246 11.85 -15.53 -28.21
N TYR C 247 10.78 -15.43 -27.41
CA TYR C 247 10.09 -16.60 -26.90
C TYR C 247 9.27 -17.29 -27.99
N LEU C 248 8.36 -16.56 -28.61
CA LEU C 248 7.46 -17.13 -29.61
C LEU C 248 8.23 -17.75 -30.79
N LYS C 249 9.38 -17.18 -31.14
CA LYS C 249 10.18 -17.66 -32.27
C LYS C 249 11.36 -18.53 -31.85
N ASP C 250 11.51 -18.77 -30.54
CA ASP C 250 12.57 -19.63 -30.01
C ASP C 250 13.91 -19.21 -30.58
N LYS C 251 14.21 -17.92 -30.45
CA LYS C 251 15.34 -17.32 -31.14
C LYS C 251 16.69 -17.69 -30.56
N LYS C 252 16.73 -18.11 -29.30
CA LYS C 252 17.98 -18.23 -28.54
C LYS C 252 18.67 -16.84 -28.55
N ALA C 253 17.88 -15.79 -28.37
CA ALA C 253 18.39 -14.43 -28.51
C ALA C 253 18.99 -13.96 -27.21
N VAL C 254 20.03 -13.13 -27.30
CA VAL C 254 20.61 -12.50 -26.12
C VAL C 254 19.68 -11.38 -25.69
N VAL C 255 19.12 -11.51 -24.49
CA VAL C 255 18.15 -10.55 -23.98
C VAL C 255 18.52 -10.13 -22.56
N PRO C 256 19.00 -8.87 -22.40
CA PRO C 256 19.25 -8.38 -21.05
C PRO C 256 17.93 -8.06 -20.34
N CYS C 257 17.65 -8.77 -19.25
CA CYS C 257 16.37 -8.62 -18.57
C CYS C 257 16.46 -9.10 -17.12
N SER C 258 15.45 -8.72 -16.33
CA SER C 258 15.34 -9.17 -14.95
C SER C 258 14.96 -10.63 -14.95
N ALA C 259 15.93 -11.50 -14.60
CA ALA C 259 15.73 -12.95 -14.65
C ALA C 259 16.34 -13.65 -13.43
N PHE C 260 15.86 -14.86 -13.16
CA PHE C 260 16.32 -15.63 -12.01
C PHE C 260 17.70 -16.22 -12.30
N CYS C 261 18.70 -15.71 -11.60
CA CYS C 261 20.09 -16.09 -11.80
C CYS C 261 20.60 -16.88 -10.61
N SER C 262 21.04 -18.12 -10.84
CA SER C 262 21.39 -19.04 -9.76
C SER C 262 22.86 -19.49 -9.71
N ASN C 263 23.58 -19.40 -10.82
CA ASN C 263 24.95 -19.89 -10.89
C ASN C 263 25.89 -18.97 -11.68
N HIS C 264 25.62 -17.66 -11.62
CA HIS C 264 26.39 -16.66 -12.36
C HIS C 264 26.45 -15.37 -11.56
N TYR C 265 27.47 -14.55 -11.84
CA TYR C 265 27.66 -13.27 -11.16
C TYR C 265 27.74 -13.40 -9.63
N GLY C 266 28.23 -14.55 -9.16
CA GLY C 266 28.44 -14.78 -7.73
C GLY C 266 27.22 -14.97 -6.84
N VAL C 267 26.04 -15.12 -7.44
CA VAL C 267 24.80 -15.28 -6.67
C VAL C 267 24.32 -16.74 -6.65
N LYS C 268 23.38 -17.03 -5.75
CA LYS C 268 22.89 -18.40 -5.54
C LYS C 268 21.44 -18.61 -5.97
N GLY C 269 20.73 -17.54 -6.32
CA GLY C 269 19.33 -17.64 -6.74
C GLY C 269 18.51 -16.40 -6.42
N ILE C 270 18.61 -15.39 -7.28
CA ILE C 270 17.88 -14.15 -7.12
C ILE C 270 17.56 -13.54 -8.48
N TYR C 271 16.49 -12.75 -8.53
CA TYR C 271 16.15 -11.99 -9.73
C TYR C 271 17.02 -10.73 -9.83
N MET C 272 17.63 -10.55 -11.01
CA MET C 272 18.51 -9.42 -11.26
C MET C 272 18.69 -9.23 -12.76
N GLY C 273 19.14 -8.05 -13.17
CA GLY C 273 19.37 -7.74 -14.58
C GLY C 273 20.59 -8.45 -15.11
N VAL C 274 20.39 -9.39 -16.03
CA VAL C 274 21.47 -10.17 -16.62
C VAL C 274 21.22 -10.41 -18.11
N PRO C 275 22.29 -10.74 -18.88
CA PRO C 275 22.11 -11.09 -20.28
C PRO C 275 21.67 -12.55 -20.41
N THR C 276 20.37 -12.74 -20.68
CA THR C 276 19.82 -14.08 -20.78
C THR C 276 19.80 -14.55 -22.23
N ILE C 277 19.66 -15.86 -22.40
CA ILE C 277 19.29 -16.46 -23.67
C ILE C 277 17.82 -16.83 -23.54
N ILE C 278 16.97 -16.25 -24.38
CA ILE C 278 15.54 -16.57 -24.36
C ILE C 278 15.16 -17.42 -25.58
N GLY C 279 14.34 -18.45 -25.31
CA GLY C 279 13.77 -19.30 -26.34
C GLY C 279 12.40 -19.81 -25.93
N LYS C 280 11.97 -20.91 -26.54
CA LYS C 280 10.63 -21.46 -26.34
C LYS C 280 10.33 -21.92 -24.91
N ASN C 281 11.37 -22.11 -24.09
CA ASN C 281 11.19 -22.38 -22.67
C ASN C 281 11.50 -21.16 -21.79
N GLY C 282 11.37 -19.96 -22.36
CA GLY C 282 11.65 -18.73 -21.63
C GLY C 282 13.14 -18.50 -21.46
N VAL C 283 13.55 -18.22 -20.23
CA VAL C 283 14.96 -18.00 -19.93
C VAL C 283 15.69 -19.34 -19.89
N GLU C 284 16.51 -19.59 -20.90
CA GLU C 284 17.20 -20.89 -21.05
C GLU C 284 18.64 -20.87 -20.56
N ASP C 285 19.27 -19.71 -20.53
CA ASP C 285 20.66 -19.60 -20.08
C ASP C 285 20.99 -18.16 -19.74
N ILE C 286 22.15 -17.97 -19.12
CA ILE C 286 22.64 -16.63 -18.77
C ILE C 286 24.11 -16.51 -19.17
N LEU C 287 24.47 -15.41 -19.83
CA LEU C 287 25.85 -15.13 -20.19
C LEU C 287 26.55 -14.32 -19.09
N GLU C 288 27.82 -14.63 -18.83
CA GLU C 288 28.60 -13.91 -17.83
C GLU C 288 29.55 -12.91 -18.48
N LEU C 289 29.27 -11.62 -18.29
CA LEU C 289 30.11 -10.54 -18.81
C LEU C 289 31.34 -10.35 -17.92
N ASP C 290 32.41 -9.83 -18.51
CA ASP C 290 33.56 -9.37 -17.73
C ASP C 290 33.22 -8.02 -17.15
N LEU C 291 33.50 -7.83 -15.87
CA LEU C 291 33.17 -6.60 -15.18
C LEU C 291 34.40 -6.04 -14.50
N THR C 292 34.55 -4.72 -14.53
CA THR C 292 35.61 -4.04 -13.80
C THR C 292 35.25 -4.02 -12.31
N PRO C 293 36.25 -3.75 -11.44
CA PRO C 293 35.99 -3.65 -10.01
C PRO C 293 34.82 -2.72 -9.66
N LEU C 294 34.78 -1.54 -10.28
CA LEU C 294 33.67 -0.60 -10.08
C LEU C 294 32.33 -1.20 -10.51
N GLU C 295 32.34 -1.93 -11.64
CA GLU C 295 31.14 -2.58 -12.16
C GLU C 295 30.69 -3.74 -11.28
N GLN C 296 31.64 -4.51 -10.76
CA GLN C 296 31.33 -5.59 -9.81
C GLN C 296 30.75 -5.04 -8.51
N LYS C 297 31.29 -3.91 -8.05
CA LYS C 297 30.82 -3.24 -6.84
C LYS C 297 29.39 -2.72 -7.01
N LEU C 298 29.18 -1.96 -8.09
CA LEU C 298 27.87 -1.40 -8.40
C LEU C 298 26.78 -2.47 -8.53
N LEU C 299 27.13 -3.59 -9.15
CA LEU C 299 26.20 -4.72 -9.30
C LEU C 299 25.86 -5.34 -7.95
N GLY C 300 26.87 -5.57 -7.12
CA GLY C 300 26.68 -6.14 -5.78
C GLY C 300 25.75 -5.31 -4.91
N GLU C 301 25.83 -3.99 -5.06
CA GLU C 301 24.94 -3.07 -4.35
C GLU C 301 23.52 -3.12 -4.91
N SER C 302 23.39 -3.36 -6.22
CA SER C 302 22.09 -3.54 -6.84
C SER C 302 21.47 -4.88 -6.42
N ILE C 303 22.30 -5.90 -6.28
CA ILE C 303 21.86 -7.20 -5.77
C ILE C 303 21.43 -7.09 -4.30
N ASN C 304 22.23 -6.38 -3.51
CA ASN C 304 21.88 -6.11 -2.10
C ASN C 304 20.53 -5.39 -1.96
N GLU C 305 20.35 -4.32 -2.72
CA GLU C 305 19.11 -3.54 -2.68
C GLU C 305 17.88 -4.40 -2.98
N VAL C 306 17.98 -5.22 -4.03
CA VAL C 306 16.89 -6.11 -4.43
C VAL C 306 16.64 -7.18 -3.36
N ASN C 307 17.72 -7.71 -2.82
CA ASN C 307 17.65 -8.76 -1.80
C ASN C 307 16.97 -8.29 -0.50
N THR C 308 17.31 -7.07 -0.07
CA THR C 308 16.77 -6.53 1.19
C THR C 308 15.34 -6.04 1.04
N ILE C 309 15.03 -5.37 -0.06
CA ILE C 309 13.65 -4.89 -0.31
C ILE C 309 12.67 -6.06 -0.50
N SER C 310 13.16 -7.20 -0.96
CA SER C 310 12.31 -8.38 -1.11
C SER C 310 11.86 -8.95 0.24
N LYS C 311 12.68 -8.76 1.28
CA LYS C 311 12.34 -9.24 2.62
C LYS C 311 11.22 -8.45 3.28
N VAL C 312 11.16 -7.13 3.04
CA VAL C 312 10.11 -6.29 3.64
C VAL C 312 8.75 -6.54 2.99
N LEU C 313 8.75 -6.99 1.73
CA LEU C 313 7.52 -7.29 1.02
C LEU C 313 6.97 -8.65 1.46
N ILE D 2 22.16 10.02 -53.85
CA ILE D 2 21.13 9.44 -52.94
C ILE D 2 21.08 10.18 -51.60
N GLU D 3 19.87 10.55 -51.20
CA GLU D 3 19.62 11.12 -49.88
C GLU D 3 18.54 10.29 -49.21
N ARG D 4 18.58 10.22 -47.88
CA ARG D 4 17.53 9.55 -47.13
C ARG D 4 16.20 10.25 -47.40
N ARG D 5 15.14 9.46 -47.57
CA ARG D 5 13.79 10.01 -47.67
C ARG D 5 13.47 10.74 -46.36
N LYS D 6 12.69 11.81 -46.45
CA LYS D 6 12.39 12.64 -45.30
C LYS D 6 10.89 12.93 -45.24
N ILE D 7 10.29 12.63 -44.09
CA ILE D 7 8.87 12.90 -43.87
C ILE D 7 8.73 13.91 -42.73
N ALA D 8 8.00 14.99 -43.00
CA ALA D 8 7.69 15.98 -41.98
C ALA D 8 6.33 15.68 -41.40
N VAL D 9 6.26 15.53 -40.08
CA VAL D 9 5.00 15.35 -39.37
C VAL D 9 4.68 16.62 -38.58
N ILE D 10 3.64 17.33 -39.02
CA ILE D 10 3.26 18.62 -38.42
C ILE D 10 2.15 18.40 -37.39
N GLY D 11 2.51 18.54 -36.12
CA GLY D 11 1.59 18.28 -35.01
C GLY D 11 1.99 16.99 -34.31
N SER D 12 2.48 17.11 -33.09
CA SER D 12 3.00 15.96 -32.36
C SER D 12 1.98 15.41 -31.37
N GLY D 13 0.71 15.40 -31.76
CA GLY D 13 -0.33 14.80 -30.95
C GLY D 13 -0.29 13.29 -31.01
N GLN D 14 -1.41 12.64 -30.70
CA GLN D 14 -1.48 11.19 -30.65
C GLN D 14 -1.29 10.55 -32.04
N ILE D 15 -1.81 11.21 -33.07
CA ILE D 15 -1.68 10.72 -34.44
C ILE D 15 -0.25 10.92 -34.97
N GLY D 16 0.22 12.16 -34.90
CA GLY D 16 1.57 12.50 -35.35
C GLY D 16 2.64 11.62 -34.74
N GLY D 17 2.51 11.36 -33.44
CA GLY D 17 3.46 10.54 -32.70
C GLY D 17 3.58 9.12 -33.23
N ASN D 18 2.43 8.52 -33.55
CA ASN D 18 2.42 7.14 -34.03
C ASN D 18 2.83 7.00 -35.49
N ILE D 19 2.67 8.07 -36.26
CA ILE D 19 3.20 8.12 -37.63
C ILE D 19 4.72 8.04 -37.60
N ALA D 20 5.34 8.82 -36.72
CA ALA D 20 6.79 8.84 -36.55
C ALA D 20 7.32 7.46 -36.13
N TYR D 21 6.61 6.82 -35.21
CA TYR D 21 6.92 5.47 -34.73
C TYR D 21 6.95 4.46 -35.86
N ILE D 22 5.88 4.46 -36.65
CA ILE D 22 5.71 3.49 -37.73
C ILE D 22 6.67 3.76 -38.88
N VAL D 23 6.81 5.04 -39.25
CA VAL D 23 7.78 5.44 -40.28
C VAL D 23 9.18 5.02 -39.86
N GLY D 24 9.53 5.32 -38.60
CA GLY D 24 10.83 4.94 -38.06
C GLY D 24 11.00 3.42 -38.04
N LYS D 25 10.01 2.74 -37.49
CA LYS D 25 10.03 1.28 -37.36
C LYS D 25 10.28 0.59 -38.71
N ASP D 26 9.60 1.07 -39.75
CA ASP D 26 9.69 0.50 -41.09
C ASP D 26 10.91 0.99 -41.87
N ASN D 27 11.62 1.99 -41.36
CA ASN D 27 12.77 2.58 -42.06
C ASN D 27 12.35 3.14 -43.43
N LEU D 28 11.17 3.75 -43.46
CA LEU D 28 10.62 4.33 -44.69
C LEU D 28 11.31 5.66 -45.01
N ALA D 29 11.79 6.34 -43.97
CA ALA D 29 12.35 7.68 -44.11
C ALA D 29 12.88 8.17 -42.77
N ASP D 30 13.60 9.30 -42.79
CA ASP D 30 13.86 10.07 -41.57
C ASP D 30 12.59 10.84 -41.24
N VAL D 31 12.41 11.16 -39.96
CA VAL D 31 11.22 11.86 -39.49
C VAL D 31 11.59 13.15 -38.75
N VAL D 32 10.95 14.25 -39.15
CA VAL D 32 10.97 15.48 -38.38
C VAL D 32 9.59 15.70 -37.79
N LEU D 33 9.51 15.66 -36.46
CA LEU D 33 8.25 15.84 -35.75
C LEU D 33 8.12 17.30 -35.31
N PHE D 34 7.25 18.05 -35.97
CA PHE D 34 7.08 19.48 -35.69
C PHE D 34 5.89 19.75 -34.79
N ASP D 35 6.05 20.68 -33.86
CA ASP D 35 4.94 21.20 -33.06
C ASP D 35 5.30 22.55 -32.43
N ILE D 36 4.28 23.32 -32.09
CA ILE D 36 4.46 24.58 -31.37
C ILE D 36 4.82 24.30 -29.91
N ALA D 37 4.11 23.36 -29.31
CA ALA D 37 4.26 23.04 -27.88
C ALA D 37 5.69 22.62 -27.54
N GLU D 38 6.26 23.21 -26.50
CA GLU D 38 7.62 22.92 -26.07
C GLU D 38 7.71 21.53 -25.45
N GLY D 39 8.79 20.82 -25.75
CA GLY D 39 9.09 19.54 -25.10
C GLY D 39 8.42 18.31 -25.72
N ILE D 40 7.16 18.45 -26.11
CA ILE D 40 6.37 17.30 -26.57
C ILE D 40 7.02 16.57 -27.77
N PRO D 41 7.31 17.29 -28.86
CA PRO D 41 7.90 16.59 -30.02
C PRO D 41 9.31 16.07 -29.73
N GLN D 42 10.09 16.81 -28.95
CA GLN D 42 11.44 16.39 -28.56
C GLN D 42 11.39 15.11 -27.73
N GLY D 43 10.46 15.04 -26.78
CA GLY D 43 10.30 13.88 -25.91
C GLY D 43 9.91 12.63 -26.66
N LYS D 44 8.94 12.76 -27.57
CA LYS D 44 8.50 11.64 -28.38
C LYS D 44 9.58 11.21 -29.36
N ALA D 45 10.26 12.17 -29.98
CA ALA D 45 11.32 11.89 -30.94
C ALA D 45 12.45 11.10 -30.30
N LEU D 46 12.87 11.53 -29.11
CA LEU D 46 13.90 10.82 -28.35
C LEU D 46 13.44 9.41 -28.00
N ASP D 47 12.21 9.31 -27.47
CA ASP D 47 11.64 8.03 -27.10
C ASP D 47 11.67 7.08 -28.31
N ILE D 48 11.14 7.56 -29.44
CA ILE D 48 11.12 6.79 -30.68
C ILE D 48 12.53 6.46 -31.18
N THR D 49 13.46 7.41 -31.04
CA THR D 49 14.86 7.17 -31.43
C THR D 49 15.42 5.94 -30.71
N HIS D 50 15.13 5.81 -29.42
CA HIS D 50 15.63 4.69 -28.62
C HIS D 50 15.12 3.33 -29.13
N SER D 51 13.94 3.30 -29.75
CA SER D 51 13.35 2.06 -30.26
C SER D 51 13.92 1.63 -31.62
N MET D 52 14.58 2.56 -32.32
CA MET D 52 15.03 2.29 -33.68
C MET D 52 15.97 1.09 -33.73
N VAL D 53 16.93 1.02 -32.81
CA VAL D 53 17.85 -0.11 -32.74
C VAL D 53 17.13 -1.43 -32.42
N MET D 54 16.04 -1.37 -31.66
CA MET D 54 15.26 -2.58 -31.36
C MET D 54 14.61 -3.08 -32.64
N PHE D 55 14.15 -2.17 -33.49
CA PHE D 55 13.52 -2.52 -34.76
C PHE D 55 14.52 -2.74 -35.90
N GLY D 56 15.80 -2.51 -35.66
CA GLY D 56 16.81 -2.67 -36.70
C GLY D 56 16.73 -1.59 -37.76
N SER D 57 16.24 -0.42 -37.37
CA SER D 57 16.10 0.71 -38.27
C SER D 57 17.20 1.74 -37.98
N THR D 58 17.68 2.41 -39.03
CA THR D 58 18.65 3.49 -38.87
C THR D 58 17.99 4.86 -39.13
N SER D 59 16.66 4.88 -39.21
CA SER D 59 15.92 6.13 -39.40
C SER D 59 16.27 7.13 -38.31
N LYS D 60 16.44 8.39 -38.70
CA LYS D 60 16.66 9.48 -37.77
C LYS D 60 15.30 10.08 -37.44
N VAL D 61 15.02 10.27 -36.16
CA VAL D 61 13.76 10.88 -35.72
C VAL D 61 14.03 12.02 -34.75
N ILE D 62 13.70 13.25 -35.16
CA ILE D 62 13.95 14.44 -34.32
C ILE D 62 12.70 15.26 -34.08
N GLY D 63 12.66 15.92 -32.92
CA GLY D 63 11.60 16.87 -32.59
C GLY D 63 12.08 18.30 -32.81
N THR D 64 11.15 19.18 -33.18
CA THR D 64 11.49 20.59 -33.41
C THR D 64 10.27 21.53 -33.38
N ASN D 65 10.55 22.83 -33.30
CA ASN D 65 9.52 23.87 -33.40
C ASN D 65 9.86 24.87 -34.51
N ASP D 66 10.76 24.47 -35.40
CA ASP D 66 11.33 25.37 -36.39
C ASP D 66 11.03 24.82 -37.78
N TYR D 67 10.27 25.58 -38.57
CA TYR D 67 9.93 25.15 -39.93
C TYR D 67 11.15 24.97 -40.84
N ALA D 68 12.28 25.57 -40.45
CA ALA D 68 13.54 25.36 -41.17
C ALA D 68 13.94 23.88 -41.23
N ASP D 69 13.61 23.14 -40.17
CA ASP D 69 13.98 21.73 -40.06
C ASP D 69 13.19 20.77 -40.98
N ILE D 70 12.11 21.25 -41.59
CA ILE D 70 11.39 20.44 -42.58
C ILE D 70 11.87 20.68 -44.02
N SER D 71 13.02 21.35 -44.16
CA SER D 71 13.55 21.65 -45.49
C SER D 71 13.88 20.38 -46.26
N GLY D 72 13.52 20.35 -47.54
CA GLY D 72 13.76 19.19 -48.39
C GLY D 72 12.92 17.96 -48.06
N SER D 73 11.86 18.13 -47.27
CA SER D 73 10.98 17.02 -46.93
C SER D 73 10.27 16.53 -48.18
N ASP D 74 10.25 15.22 -48.36
CA ASP D 74 9.60 14.61 -49.52
C ASP D 74 8.09 14.50 -49.31
N VAL D 75 7.68 14.32 -48.06
CA VAL D 75 6.28 14.21 -47.69
C VAL D 75 6.02 15.05 -46.44
N VAL D 76 4.89 15.72 -46.40
CA VAL D 76 4.44 16.44 -45.21
C VAL D 76 3.07 15.91 -44.81
N ILE D 77 2.92 15.54 -43.54
CA ILE D 77 1.65 15.08 -43.02
C ILE D 77 1.20 16.03 -41.92
N ILE D 78 0.08 16.71 -42.15
CA ILE D 78 -0.45 17.72 -41.22
C ILE D 78 -1.55 17.13 -40.35
N THR D 79 -1.33 17.14 -39.04
CA THR D 79 -2.29 16.62 -38.06
C THR D 79 -2.67 17.66 -37.00
N ALA D 80 -2.36 18.93 -37.26
CA ALA D 80 -2.64 20.00 -36.29
C ALA D 80 -4.10 20.44 -36.36
N LEU D 93 -13.52 25.10 -34.15
CA LEU D 93 -14.05 26.06 -35.10
C LEU D 93 -13.39 25.91 -36.48
N LEU D 94 -14.06 26.45 -37.49
CA LEU D 94 -13.56 26.39 -38.87
C LEU D 94 -12.35 27.32 -39.06
N PHE D 95 -12.49 28.57 -38.61
CA PHE D 95 -11.44 29.58 -38.79
C PHE D 95 -10.18 29.28 -37.99
N GLY D 96 -10.30 28.51 -36.91
CA GLY D 96 -9.15 28.12 -36.10
C GLY D 96 -8.20 27.19 -36.85
N ASN D 97 -8.75 26.14 -37.45
CA ASN D 97 -7.95 25.17 -38.20
C ASN D 97 -7.38 25.74 -39.49
N ALA D 98 -8.08 26.70 -40.10
CA ALA D 98 -7.63 27.33 -41.33
C ALA D 98 -6.44 28.25 -41.11
N ARG D 99 -6.41 28.94 -39.96
CA ARG D 99 -5.28 29.80 -39.60
C ARG D 99 -4.01 28.99 -39.35
N ILE D 100 -4.16 27.80 -38.76
CA ILE D 100 -3.04 26.89 -38.57
C ILE D 100 -2.48 26.46 -39.92
N LEU D 101 -3.37 26.10 -40.84
CA LEU D 101 -2.98 25.70 -42.19
C LEU D 101 -2.39 26.83 -43.02
N ASP D 102 -2.69 28.08 -42.66
CA ASP D 102 -2.03 29.24 -43.28
C ASP D 102 -0.57 29.28 -42.84
N SER D 103 -0.33 29.07 -41.55
CA SER D 103 1.03 29.01 -41.01
C SER D 103 1.83 27.85 -41.58
N VAL D 104 1.21 26.67 -41.63
CA VAL D 104 1.86 25.48 -42.18
C VAL D 104 2.14 25.64 -43.66
N ALA D 105 1.21 26.26 -44.38
CA ALA D 105 1.39 26.56 -45.80
C ALA D 105 2.61 27.44 -46.06
N GLU D 106 2.84 28.40 -45.16
CA GLU D 106 4.01 29.28 -45.26
C GLU D 106 5.30 28.49 -45.11
N GLY D 107 5.35 27.62 -44.10
CA GLY D 107 6.51 26.77 -43.86
C GLY D 107 6.85 25.88 -45.03
N VAL D 108 5.83 25.23 -45.59
CA VAL D 108 6.02 24.29 -46.69
C VAL D 108 6.54 24.98 -47.96
N LYS D 109 5.86 26.03 -48.41
CA LYS D 109 6.26 26.73 -49.63
C LYS D 109 7.66 27.35 -49.50
N LYS D 110 8.01 27.75 -48.29
CA LYS D 110 9.33 28.32 -48.01
C LYS D 110 10.44 27.27 -48.00
N TYR D 111 10.19 26.12 -47.37
CA TYR D 111 11.24 25.15 -47.08
C TYR D 111 11.18 23.84 -47.87
N CYS D 112 9.97 23.36 -48.20
CA CYS D 112 9.82 22.11 -48.94
C CYS D 112 8.66 22.17 -49.94
N PRO D 113 8.75 23.08 -50.93
CA PRO D 113 7.63 23.29 -51.85
C PRO D 113 7.34 22.09 -52.74
N ASN D 114 8.35 21.26 -53.01
CA ASN D 114 8.18 20.07 -53.84
C ASN D 114 7.60 18.86 -53.09
N ALA D 115 7.30 19.03 -51.80
CA ALA D 115 6.77 17.94 -50.98
C ALA D 115 5.36 17.51 -51.41
N PHE D 116 5.06 16.24 -51.17
CA PHE D 116 3.70 15.72 -51.29
C PHE D 116 3.05 15.92 -49.94
N VAL D 117 1.91 16.61 -49.91
CA VAL D 117 1.28 16.99 -48.65
C VAL D 117 0.01 16.18 -48.39
N ILE D 118 -0.10 15.66 -47.17
CA ILE D 118 -1.27 14.90 -46.72
C ILE D 118 -1.89 15.61 -45.51
N CYS D 119 -3.11 16.11 -45.68
CA CYS D 119 -3.80 16.86 -44.61
C CYS D 119 -4.71 15.96 -43.79
N ILE D 120 -4.71 16.14 -42.47
CA ILE D 120 -5.57 15.38 -41.56
C ILE D 120 -6.25 16.35 -40.59
N THR D 121 -7.24 17.09 -41.09
CA THR D 121 -7.99 18.06 -40.29
C THR D 121 -9.34 18.37 -40.96
N ASN D 122 -10.40 18.38 -40.16
CA ASN D 122 -11.77 18.55 -40.67
C ASN D 122 -12.20 20.02 -40.66
N PRO D 123 -13.03 20.42 -41.66
CA PRO D 123 -13.58 19.64 -42.77
C PRO D 123 -12.54 19.40 -43.87
N LEU D 124 -12.27 18.13 -44.16
CA LEU D 124 -11.13 17.75 -44.99
C LEU D 124 -11.13 18.42 -46.37
N ASP D 125 -12.18 18.19 -47.14
CA ASP D 125 -12.24 18.64 -48.54
C ASP D 125 -12.04 20.15 -48.68
N VAL D 126 -12.49 20.92 -47.71
CA VAL D 126 -12.33 22.38 -47.72
C VAL D 126 -10.89 22.76 -47.35
N MET D 127 -10.38 22.18 -46.27
CA MET D 127 -9.03 22.45 -45.79
C MET D 127 -7.96 22.07 -46.81
N VAL D 128 -8.16 20.96 -47.51
CA VAL D 128 -7.24 20.50 -48.55
C VAL D 128 -7.19 21.54 -49.67
N SER D 129 -8.36 21.93 -50.17
CA SER D 129 -8.46 22.96 -51.21
C SER D 129 -7.88 24.29 -50.74
N HIS D 130 -8.16 24.63 -49.48
CA HIS D 130 -7.63 25.84 -48.86
C HIS D 130 -6.12 25.82 -48.81
N PHE D 131 -5.54 24.67 -48.47
CA PHE D 131 -4.08 24.52 -48.40
C PHE D 131 -3.44 24.68 -49.76
N GLN D 132 -4.02 24.07 -50.79
CA GLN D 132 -3.50 24.18 -52.15
C GLN D 132 -3.49 25.63 -52.64
N LYS D 133 -4.57 26.36 -52.34
CA LYS D 133 -4.69 27.76 -52.74
C LYS D 133 -3.60 28.61 -52.07
N VAL D 134 -3.48 28.50 -50.76
CA VAL D 134 -2.53 29.32 -49.99
C VAL D 134 -1.07 28.94 -50.29
N SER D 135 -0.76 27.65 -50.15
CA SER D 135 0.60 27.15 -50.40
C SER D 135 1.03 27.32 -51.86
N GLY D 136 0.05 27.24 -52.77
CA GLY D 136 0.31 27.35 -54.20
C GLY D 136 0.99 26.13 -54.81
N LEU D 137 0.98 25.01 -54.09
CA LEU D 137 1.58 23.77 -54.60
C LEU D 137 0.69 23.17 -55.68
N PRO D 138 1.27 22.33 -56.56
CA PRO D 138 0.47 21.65 -57.57
C PRO D 138 -0.70 20.87 -56.97
N HIS D 139 -1.82 20.85 -57.67
CA HIS D 139 -3.05 20.20 -57.18
C HIS D 139 -2.81 18.72 -56.90
N ASN D 140 -2.15 18.04 -57.84
CA ASN D 140 -1.75 16.65 -57.67
C ASN D 140 -0.86 16.37 -56.45
N LYS D 141 -0.12 17.38 -56.01
CA LYS D 141 0.79 17.24 -54.87
C LYS D 141 0.14 17.55 -53.50
N VAL D 142 -1.16 17.81 -53.49
CA VAL D 142 -1.87 18.05 -52.23
C VAL D 142 -3.11 17.16 -52.15
N CYS D 143 -3.32 16.56 -50.98
CA CYS D 143 -4.48 15.69 -50.75
C CYS D 143 -4.77 15.55 -49.25
N GLY D 144 -5.86 14.87 -48.92
CA GLY D 144 -6.30 14.70 -47.53
C GLY D 144 -6.57 13.25 -47.17
N MET D 145 -6.41 12.93 -45.89
CA MET D 145 -6.62 11.56 -45.39
C MET D 145 -7.99 11.39 -44.77
N ALA D 146 -8.78 10.49 -45.34
CA ALA D 146 -10.07 10.10 -44.79
C ALA D 146 -10.54 8.77 -45.39
N GLY D 147 -10.58 8.73 -46.73
CA GLY D 147 -11.00 7.55 -47.47
C GLY D 147 -10.33 6.26 -47.02
N VAL D 148 -9.01 6.29 -46.83
CA VAL D 148 -8.26 5.10 -46.43
C VAL D 148 -8.73 4.56 -45.07
N LEU D 149 -8.90 5.46 -44.11
CA LEU D 149 -9.41 5.09 -42.78
C LEU D 149 -10.83 4.53 -42.86
N ASP D 150 -11.70 5.24 -43.57
CA ASP D 150 -13.10 4.81 -43.72
C ASP D 150 -13.22 3.54 -44.56
N SER D 151 -12.46 3.48 -45.66
CA SER D 151 -12.42 2.29 -46.51
C SER D 151 -11.90 1.08 -45.74
N SER D 152 -10.86 1.29 -44.95
CA SER D 152 -10.29 0.21 -44.13
C SER D 152 -11.31 -0.34 -43.15
N ARG D 153 -11.98 0.55 -42.41
CA ARG D 153 -13.08 0.18 -41.52
C ARG D 153 -14.21 -0.53 -42.26
N PHE D 154 -14.56 0.02 -43.43
CA PHE D 154 -15.59 -0.55 -44.28
C PHE D 154 -15.20 -1.97 -44.69
N ARG D 155 -13.97 -2.14 -45.16
CA ARG D 155 -13.44 -3.46 -45.51
C ARG D 155 -13.40 -4.41 -44.31
N THR D 156 -13.10 -3.86 -43.13
CA THR D 156 -12.97 -4.65 -41.92
C THR D 156 -14.32 -5.25 -41.49
N PHE D 157 -15.35 -4.41 -41.44
CA PHE D 157 -16.68 -4.87 -41.01
C PHE D 157 -17.25 -5.91 -41.98
N ILE D 158 -16.98 -5.73 -43.27
CA ILE D 158 -17.35 -6.71 -44.28
C ILE D 158 -16.61 -8.02 -44.04
N ALA D 159 -15.32 -7.92 -43.76
CA ALA D 159 -14.48 -9.10 -43.50
C ALA D 159 -14.95 -9.87 -42.28
N GLN D 160 -15.35 -9.15 -41.24
CA GLN D 160 -15.84 -9.77 -40.00
C GLN D 160 -17.20 -10.47 -40.18
N HIS D 161 -17.95 -10.09 -41.22
CA HIS D 161 -19.22 -10.75 -41.53
C HIS D 161 -18.99 -12.09 -42.19
N PHE D 162 -18.24 -12.09 -43.29
CA PHE D 162 -17.96 -13.32 -44.04
C PHE D 162 -16.94 -14.23 -43.34
N GLY D 163 -16.22 -13.69 -42.36
CA GLY D 163 -15.18 -14.44 -41.67
C GLY D 163 -14.01 -14.70 -42.60
N VAL D 164 -13.51 -13.63 -43.22
CA VAL D 164 -12.43 -13.73 -44.21
C VAL D 164 -11.35 -12.66 -43.99
N ASN D 165 -10.20 -12.86 -44.62
CA ASN D 165 -9.09 -11.90 -44.58
C ASN D 165 -9.49 -10.55 -45.18
N ALA D 166 -9.40 -9.50 -44.37
CA ALA D 166 -9.77 -8.14 -44.79
C ALA D 166 -8.98 -7.64 -46.01
N SER D 167 -7.74 -8.10 -46.16
CA SER D 167 -6.91 -7.71 -47.31
C SER D 167 -7.46 -8.25 -48.62
N ASP D 168 -8.25 -9.33 -48.56
CA ASP D 168 -8.89 -9.90 -49.74
C ASP D 168 -10.29 -9.34 -49.99
N VAL D 169 -10.66 -8.29 -49.25
CA VAL D 169 -11.93 -7.60 -49.44
C VAL D 169 -11.66 -6.28 -50.15
N SER D 170 -12.25 -6.12 -51.33
CA SER D 170 -12.21 -4.84 -52.05
C SER D 170 -13.42 -4.01 -51.65
N ALA D 171 -13.18 -2.79 -51.18
CA ALA D 171 -14.26 -1.87 -50.78
C ALA D 171 -13.73 -0.45 -50.61
N ASN D 172 -14.38 0.49 -51.29
CA ASN D 172 -14.00 1.91 -51.24
C ASN D 172 -15.05 2.76 -50.54
N VAL D 173 -14.61 3.88 -49.98
CA VAL D 173 -15.49 4.85 -49.32
C VAL D 173 -15.17 6.25 -49.84
N ILE D 174 -15.99 6.72 -50.78
CA ILE D 174 -15.78 8.01 -51.45
C ILE D 174 -16.56 9.14 -50.75
N GLY D 175 -16.38 10.37 -51.25
CA GLY D 175 -17.04 11.54 -50.68
C GLY D 175 -16.28 12.11 -49.49
N GLY D 176 -16.95 12.96 -48.73
CA GLY D 176 -16.32 13.62 -47.57
C GLY D 176 -16.31 12.75 -46.34
N HIS D 177 -15.67 13.24 -45.28
CA HIS D 177 -15.61 12.53 -43.99
C HIS D 177 -16.74 12.99 -43.09
N GLY D 178 -17.13 12.13 -42.16
CA GLY D 178 -18.19 12.44 -41.19
C GLY D 178 -19.54 11.96 -41.68
N ASP D 179 -20.53 12.85 -41.66
CA ASP D 179 -21.89 12.52 -42.11
C ASP D 179 -21.98 12.41 -43.64
N GLY D 180 -21.07 13.07 -44.35
CA GLY D 180 -21.05 13.04 -45.83
C GLY D 180 -20.23 11.90 -46.41
N MET D 181 -20.28 10.74 -45.75
CA MET D 181 -19.51 9.57 -46.12
C MET D 181 -20.33 8.69 -47.04
N VAL D 182 -19.71 8.17 -48.10
CA VAL D 182 -20.42 7.37 -49.09
C VAL D 182 -19.70 6.04 -49.35
N PRO D 183 -19.97 5.02 -48.50
CA PRO D 183 -19.48 3.67 -48.78
C PRO D 183 -20.16 3.05 -49.99
N ALA D 184 -19.40 2.81 -51.05
CA ALA D 184 -19.95 2.31 -52.31
C ALA D 184 -20.14 0.80 -52.27
N THR D 185 -21.36 0.36 -51.94
CA THR D 185 -21.69 -1.06 -51.90
C THR D 185 -21.54 -1.76 -53.26
N SER D 186 -21.73 -0.99 -54.34
CA SER D 186 -21.57 -1.51 -55.70
C SER D 186 -20.11 -1.85 -56.03
N SER D 187 -19.17 -1.19 -55.35
CA SER D 187 -17.74 -1.47 -55.54
C SER D 187 -17.28 -2.72 -54.81
N VAL D 188 -18.07 -3.16 -53.83
CA VAL D 188 -17.66 -4.22 -52.90
C VAL D 188 -17.58 -5.60 -53.57
N SER D 189 -16.51 -6.33 -53.24
CA SER D 189 -16.39 -7.73 -53.62
C SER D 189 -15.49 -8.46 -52.63
N VAL D 190 -15.72 -9.76 -52.47
CA VAL D 190 -14.93 -10.61 -51.58
C VAL D 190 -14.36 -11.76 -52.41
N GLY D 191 -13.09 -11.64 -52.78
CA GLY D 191 -12.40 -12.68 -53.55
C GLY D 191 -12.87 -12.77 -54.99
N GLY D 192 -13.25 -11.62 -55.56
CA GLY D 192 -13.77 -11.57 -56.92
C GLY D 192 -15.25 -11.87 -57.03
N VAL D 193 -15.93 -11.96 -55.89
CA VAL D 193 -17.37 -12.24 -55.85
C VAL D 193 -18.11 -10.96 -55.45
N PRO D 194 -18.94 -10.43 -56.36
CA PRO D 194 -19.73 -9.22 -56.05
C PRO D 194 -20.68 -9.39 -54.87
N LEU D 195 -21.03 -8.27 -54.24
CA LEU D 195 -21.90 -8.28 -53.07
C LEU D 195 -23.36 -8.64 -53.39
N SER D 196 -23.76 -8.43 -54.64
CA SER D 196 -25.09 -8.82 -55.11
C SER D 196 -25.26 -10.33 -55.13
N SER D 197 -24.19 -11.04 -55.49
CA SER D 197 -24.20 -12.50 -55.54
C SER D 197 -24.41 -13.12 -54.16
N PHE D 198 -23.76 -12.56 -53.14
CA PHE D 198 -23.87 -13.08 -51.77
C PHE D 198 -25.29 -13.00 -51.21
N ILE D 199 -26.07 -12.02 -51.67
CA ILE D 199 -27.47 -11.90 -51.28
C ILE D 199 -28.27 -13.04 -51.89
N LYS D 200 -28.04 -13.30 -53.17
CA LYS D 200 -28.69 -14.40 -53.89
C LYS D 200 -28.26 -15.76 -53.33
N GLN D 201 -26.99 -15.87 -52.93
CA GLN D 201 -26.49 -17.06 -52.26
C GLN D 201 -27.04 -17.24 -50.84
N GLY D 202 -27.60 -16.17 -50.28
CA GLY D 202 -28.22 -16.22 -48.96
C GLY D 202 -27.20 -16.18 -47.84
N LEU D 203 -26.04 -15.59 -48.12
CA LEU D 203 -24.96 -15.48 -47.13
C LEU D 203 -24.94 -14.11 -46.44
N ILE D 204 -25.60 -13.13 -47.05
CA ILE D 204 -25.74 -11.79 -46.47
C ILE D 204 -27.06 -11.15 -46.92
N THR D 205 -27.74 -10.50 -45.99
CA THR D 205 -29.00 -9.79 -46.29
C THR D 205 -28.73 -8.30 -46.47
N GLN D 206 -29.72 -7.58 -47.01
CA GLN D 206 -29.57 -6.15 -47.29
C GLN D 206 -29.52 -5.32 -46.00
N GLU D 207 -30.30 -5.72 -44.99
CA GLU D 207 -30.30 -5.02 -43.69
C GLU D 207 -28.99 -5.24 -42.92
N GLN D 208 -28.28 -6.32 -43.24
CA GLN D 208 -26.92 -6.54 -42.71
C GLN D 208 -25.90 -5.65 -43.43
N ILE D 209 -26.08 -5.48 -44.75
CA ILE D 209 -25.27 -4.55 -45.53
C ILE D 209 -25.47 -3.11 -45.05
N ASP D 210 -26.73 -2.73 -44.87
CA ASP D 210 -27.08 -1.40 -44.35
C ASP D 210 -26.55 -1.18 -42.94
N GLU D 211 -26.43 -2.27 -42.17
CA GLU D 211 -25.80 -2.22 -40.85
C GLU D 211 -24.30 -1.94 -40.98
N ILE D 212 -23.64 -2.60 -41.93
CA ILE D 212 -22.21 -2.39 -42.17
C ILE D 212 -21.93 -0.96 -42.65
N VAL D 213 -22.74 -0.49 -43.59
CA VAL D 213 -22.63 0.89 -44.09
C VAL D 213 -22.86 1.90 -42.95
N CYS D 214 -23.84 1.61 -42.10
CA CYS D 214 -24.12 2.44 -40.92
C CYS D 214 -22.97 2.39 -39.92
N HIS D 215 -22.36 1.22 -39.77
CA HIS D 215 -21.26 1.02 -38.81
C HIS D 215 -20.04 1.84 -39.20
N THR D 216 -19.79 1.93 -40.51
CA THR D 216 -18.68 2.71 -41.04
C THR D 216 -18.84 4.20 -40.75
N ARG D 217 -20.06 4.71 -40.95
CA ARG D 217 -20.35 6.13 -40.69
C ARG D 217 -20.18 6.52 -39.22
N ILE D 218 -20.54 5.62 -38.31
CA ILE D 218 -20.47 5.89 -36.87
C ILE D 218 -19.23 5.26 -36.21
N ALA D 219 -18.41 4.57 -36.99
CA ALA D 219 -17.21 3.88 -36.48
C ALA D 219 -16.37 4.76 -35.56
N TRP D 220 -16.14 6.01 -35.97
CA TRP D 220 -15.35 6.96 -35.18
C TRP D 220 -15.92 7.17 -33.77
N LYS D 221 -17.25 7.22 -33.66
CA LYS D 221 -17.93 7.48 -32.39
C LYS D 221 -17.84 6.26 -31.47
N GLU D 222 -17.96 5.08 -32.05
CA GLU D 222 -17.78 3.82 -31.31
C GLU D 222 -16.44 3.79 -30.58
N VAL D 223 -15.39 4.28 -31.26
CA VAL D 223 -14.06 4.37 -30.65
C VAL D 223 -14.00 5.53 -29.65
N ALA D 224 -14.49 6.69 -30.08
CA ALA D 224 -14.45 7.92 -29.27
C ALA D 224 -15.12 7.76 -27.91
N ASP D 225 -16.32 7.18 -27.90
CA ASP D 225 -17.06 6.95 -26.65
C ASP D 225 -16.26 6.08 -25.69
N ASN D 226 -15.61 5.05 -26.21
CA ASN D 226 -14.82 4.12 -25.40
C ASN D 226 -13.56 4.77 -24.80
N LEU D 227 -12.82 5.51 -25.63
CA LEU D 227 -11.62 6.22 -25.18
C LEU D 227 -11.93 7.35 -24.19
N LYS D 228 -13.14 7.89 -24.26
CA LYS D 228 -13.61 8.97 -23.38
C LYS D 228 -12.95 10.32 -23.72
N THR D 229 -11.64 10.40 -23.55
CA THR D 229 -10.87 11.58 -23.95
C THR D 229 -10.16 11.34 -25.28
N GLY D 230 -10.48 12.15 -26.29
CA GLY D 230 -9.83 12.07 -27.59
C GLY D 230 -10.47 11.08 -28.55
N THR D 231 -10.14 11.22 -29.83
CA THR D 231 -10.67 10.38 -30.90
C THR D 231 -9.65 9.31 -31.30
N ALA D 232 -9.95 8.56 -32.36
CA ALA D 232 -9.05 7.53 -32.87
C ALA D 232 -7.69 8.11 -33.31
N TYR D 233 -6.66 7.27 -33.33
CA TYR D 233 -5.32 7.70 -33.75
C TYR D 233 -4.40 6.60 -34.30
N PHE D 234 -4.57 5.35 -33.85
CA PHE D 234 -3.79 4.23 -34.38
C PHE D 234 -4.03 4.04 -35.87
N ALA D 235 -5.31 3.91 -36.24
CA ALA D 235 -5.68 3.68 -37.64
C ALA D 235 -5.48 4.92 -38.53
N PRO D 236 -5.88 6.12 -38.05
CA PRO D 236 -5.57 7.34 -38.81
C PRO D 236 -4.08 7.48 -39.12
N ALA D 237 -3.23 7.31 -38.12
CA ALA D 237 -1.77 7.35 -38.29
C ALA D 237 -1.32 6.34 -39.33
N ALA D 238 -1.75 5.10 -39.16
CA ALA D 238 -1.40 4.02 -40.08
C ALA D 238 -1.86 4.33 -41.49
N ALA D 239 -3.07 4.87 -41.61
CA ALA D 239 -3.63 5.26 -42.91
C ALA D 239 -2.76 6.31 -43.61
N ALA D 240 -2.29 7.29 -42.84
CA ALA D 240 -1.41 8.34 -43.36
C ALA D 240 -0.10 7.75 -43.92
N VAL D 241 0.45 6.78 -43.21
CA VAL D 241 1.71 6.14 -43.62
C VAL D 241 1.54 5.41 -44.94
N LYS D 242 0.43 4.70 -45.10
CA LYS D 242 0.15 3.98 -46.34
C LYS D 242 0.12 4.93 -47.53
N MET D 243 -0.42 6.13 -47.33
CA MET D 243 -0.47 7.14 -48.39
C MET D 243 0.93 7.63 -48.76
N ALA D 244 1.73 7.91 -47.73
CA ALA D 244 3.13 8.31 -47.91
C ALA D 244 3.98 7.22 -48.57
N GLU D 245 3.71 5.95 -48.24
CA GLU D 245 4.38 4.82 -48.89
C GLU D 245 4.12 4.80 -50.39
N ALA D 246 2.86 5.05 -50.77
CA ALA D 246 2.48 5.02 -52.18
C ALA D 246 3.26 6.05 -52.99
N TYR D 247 3.45 7.23 -52.40
CA TYR D 247 4.21 8.30 -53.04
C TYR D 247 5.69 7.96 -53.10
N LEU D 248 6.28 7.64 -51.94
CA LEU D 248 7.72 7.41 -51.84
C LEU D 248 8.19 6.22 -52.67
N LYS D 249 7.44 5.12 -52.64
CA LYS D 249 7.76 3.93 -53.46
C LYS D 249 7.11 3.96 -54.84
N ASP D 250 6.41 5.04 -55.19
CA ASP D 250 5.82 5.20 -56.51
C ASP D 250 4.97 3.98 -56.88
N LYS D 251 4.10 3.57 -55.96
CA LYS D 251 3.41 2.29 -56.07
C LYS D 251 2.40 2.22 -57.22
N LYS D 252 1.87 3.38 -57.64
CA LYS D 252 0.70 3.42 -58.53
C LYS D 252 -0.46 2.75 -57.79
N ALA D 253 -0.58 3.05 -56.49
CA ALA D 253 -1.51 2.37 -55.62
C ALA D 253 -2.86 3.05 -55.64
N VAL D 254 -3.92 2.27 -55.46
CA VAL D 254 -5.28 2.80 -55.39
C VAL D 254 -5.52 3.34 -53.97
N VAL D 255 -5.67 4.65 -53.86
CA VAL D 255 -5.79 5.30 -52.57
C VAL D 255 -7.04 6.17 -52.55
N PRO D 256 -8.05 5.80 -51.74
CA PRO D 256 -9.19 6.69 -51.55
C PRO D 256 -8.81 7.88 -50.68
N CYS D 257 -8.77 9.07 -51.28
CA CYS D 257 -8.32 10.29 -50.59
C CYS D 257 -8.98 11.52 -51.20
N SER D 258 -9.01 12.61 -50.44
CA SER D 258 -9.53 13.89 -50.91
C SER D 258 -8.54 14.50 -51.90
N ALA D 259 -8.80 14.32 -53.20
CA ALA D 259 -7.90 14.78 -54.26
C ALA D 259 -8.61 15.69 -55.25
N PHE D 260 -7.82 16.42 -56.05
CA PHE D 260 -8.35 17.38 -57.01
C PHE D 260 -8.98 16.66 -58.20
N CYS D 261 -10.31 16.65 -58.24
CA CYS D 261 -11.05 15.97 -59.30
C CYS D 261 -11.46 16.97 -60.39
N SER D 262 -10.86 16.83 -61.57
CA SER D 262 -11.02 17.80 -62.65
C SER D 262 -12.10 17.41 -63.67
N ASN D 263 -12.30 16.11 -63.88
CA ASN D 263 -13.27 15.63 -64.86
C ASN D 263 -13.68 14.16 -64.63
N HIS D 264 -14.05 13.86 -63.40
CA HIS D 264 -14.62 12.56 -63.05
C HIS D 264 -15.78 12.78 -62.08
N TYR D 265 -16.72 11.85 -62.05
CA TYR D 265 -17.90 11.90 -61.17
C TYR D 265 -18.79 13.15 -61.41
N GLY D 266 -18.75 13.69 -62.63
CA GLY D 266 -19.56 14.84 -63.00
C GLY D 266 -18.98 16.21 -62.67
N VAL D 267 -18.13 16.28 -61.64
CA VAL D 267 -17.58 17.56 -61.17
C VAL D 267 -16.52 18.14 -62.12
N LYS D 268 -16.23 19.43 -61.92
CA LYS D 268 -15.34 20.17 -62.82
C LYS D 268 -14.30 20.98 -62.02
N GLY D 269 -13.31 20.27 -61.48
CA GLY D 269 -12.19 20.90 -60.77
C GLY D 269 -12.49 21.21 -59.32
N ILE D 270 -12.63 20.15 -58.51
CA ILE D 270 -12.93 20.29 -57.09
C ILE D 270 -12.30 19.16 -56.28
N TYR D 271 -12.01 19.44 -55.01
CA TYR D 271 -11.46 18.44 -54.09
C TYR D 271 -12.56 17.63 -53.42
N MET D 272 -12.50 16.31 -53.59
CA MET D 272 -13.44 15.38 -52.96
C MET D 272 -12.83 13.99 -52.83
N GLY D 273 -13.31 13.21 -51.87
CA GLY D 273 -12.81 11.85 -51.65
C GLY D 273 -13.08 10.94 -52.84
N VAL D 274 -12.01 10.54 -53.53
CA VAL D 274 -12.11 9.68 -54.70
C VAL D 274 -10.98 8.65 -54.75
N PRO D 275 -11.22 7.49 -55.39
CA PRO D 275 -10.17 6.48 -55.52
C PRO D 275 -9.11 6.90 -56.53
N THR D 276 -8.00 7.44 -56.03
CA THR D 276 -6.91 7.92 -56.88
C THR D 276 -5.84 6.87 -57.13
N ILE D 277 -5.03 7.10 -58.16
CA ILE D 277 -3.78 6.35 -58.36
C ILE D 277 -2.65 7.26 -57.90
N ILE D 278 -1.97 6.88 -56.82
CA ILE D 278 -0.87 7.67 -56.27
C ILE D 278 0.48 7.06 -56.64
N GLY D 279 1.37 7.91 -57.14
CA GLY D 279 2.74 7.52 -57.48
C GLY D 279 3.72 8.63 -57.09
N LYS D 280 4.89 8.64 -57.74
CA LYS D 280 5.96 9.58 -57.39
C LYS D 280 5.67 11.04 -57.73
N ASN D 281 4.68 11.28 -58.58
CA ASN D 281 4.23 12.63 -58.89
C ASN D 281 2.86 12.91 -58.24
N GLY D 282 2.62 12.33 -57.06
CA GLY D 282 1.39 12.54 -56.31
C GLY D 282 0.18 11.85 -56.92
N VAL D 283 -0.97 12.52 -56.86
CA VAL D 283 -2.20 12.02 -57.46
C VAL D 283 -2.06 12.08 -58.98
N GLU D 284 -1.83 10.93 -59.60
CA GLU D 284 -1.54 10.84 -61.04
C GLU D 284 -2.78 10.50 -61.87
N ASP D 285 -3.82 9.96 -61.23
CA ASP D 285 -5.04 9.59 -61.93
C ASP D 285 -6.17 9.32 -60.94
N ILE D 286 -7.39 9.17 -61.47
CA ILE D 286 -8.57 8.88 -60.66
C ILE D 286 -9.42 7.81 -61.35
N LEU D 287 -10.00 6.92 -60.55
CA LEU D 287 -10.86 5.84 -61.04
C LEU D 287 -12.33 6.21 -60.90
N GLU D 288 -13.11 5.89 -61.93
CA GLU D 288 -14.57 6.10 -61.90
C GLU D 288 -15.26 4.83 -61.45
N LEU D 289 -15.85 4.87 -60.25
CA LEU D 289 -16.62 3.74 -59.73
C LEU D 289 -17.97 3.65 -60.43
N ASP D 290 -18.44 2.42 -60.65
CA ASP D 290 -19.75 2.19 -61.25
C ASP D 290 -20.83 2.50 -60.21
N LEU D 291 -21.13 3.78 -60.06
CA LEU D 291 -22.06 4.25 -59.02
C LEU D 291 -23.52 4.08 -59.43
N THR D 292 -24.36 3.74 -58.45
CA THR D 292 -25.80 3.63 -58.66
C THR D 292 -26.44 5.00 -58.54
N PRO D 293 -27.71 5.14 -58.96
CA PRO D 293 -28.45 6.40 -58.77
C PRO D 293 -28.57 6.87 -57.31
N LEU D 294 -28.67 5.92 -56.38
CA LEU D 294 -28.74 6.24 -54.95
C LEU D 294 -27.41 6.80 -54.41
N GLU D 295 -26.31 6.21 -54.87
CA GLU D 295 -24.98 6.60 -54.38
C GLU D 295 -24.58 8.00 -54.83
N GLN D 296 -24.87 8.34 -56.09
CA GLN D 296 -24.55 9.66 -56.63
C GLN D 296 -25.35 10.79 -55.97
N LYS D 297 -26.58 10.50 -55.57
CA LYS D 297 -27.41 11.46 -54.84
C LYS D 297 -26.79 11.79 -53.48
N LEU D 298 -26.26 10.77 -52.82
CA LEU D 298 -25.54 10.93 -51.55
C LEU D 298 -24.18 11.59 -51.79
N LEU D 299 -23.54 11.24 -52.91
CA LEU D 299 -22.26 11.82 -53.29
C LEU D 299 -22.37 13.31 -53.60
N GLY D 300 -23.45 13.70 -54.28
CA GLY D 300 -23.73 15.10 -54.57
C GLY D 300 -24.02 15.93 -53.33
N GLU D 301 -24.64 15.30 -52.34
CA GLU D 301 -24.99 15.96 -51.08
C GLU D 301 -23.75 16.46 -50.33
N SER D 302 -22.66 15.70 -50.42
CA SER D 302 -21.39 16.09 -49.80
C SER D 302 -20.70 17.22 -50.56
N ILE D 303 -20.76 17.16 -51.90
CA ILE D 303 -20.16 18.20 -52.76
C ILE D 303 -20.80 19.56 -52.51
N ASN D 304 -22.12 19.60 -52.47
CA ASN D 304 -22.86 20.82 -52.15
C ASN D 304 -22.53 21.36 -50.77
N GLU D 305 -22.43 20.45 -49.80
CA GLU D 305 -22.11 20.82 -48.41
C GLU D 305 -20.65 21.27 -48.27
N VAL D 306 -19.78 20.78 -49.16
CA VAL D 306 -18.40 21.26 -49.23
C VAL D 306 -18.33 22.62 -49.91
N ASN D 307 -19.03 22.75 -51.04
CA ASN D 307 -19.01 23.98 -51.84
C ASN D 307 -19.52 25.21 -51.07
N THR D 308 -20.55 25.02 -50.27
CA THR D 308 -21.11 26.10 -49.45
C THR D 308 -20.19 26.45 -48.28
N ILE D 309 -19.68 25.44 -47.59
CA ILE D 309 -18.77 25.65 -46.46
C ILE D 309 -17.45 26.27 -46.94
N SER D 310 -16.96 25.84 -48.10
CA SER D 310 -15.71 26.38 -48.66
C SER D 310 -15.90 27.81 -49.15
N LYS D 311 -15.66 28.76 -48.28
CA LYS D 311 -15.76 30.18 -48.63
C LYS D 311 -14.96 31.06 -47.66
#